data_5IB0
#
_entry.id   5IB0
#
_cell.length_a   82.116
_cell.length_b   110.952
_cell.length_c   294.379
_cell.angle_alpha   90.00
_cell.angle_beta   90.00
_cell.angle_gamma   90.00
#
_symmetry.space_group_name_H-M   'C 2 2 21'
#
loop_
_entity.id
_entity.type
_entity.pdbx_description
1 polymer 'Uncharacterized protein PA4534'
2 non-polymer 'ACETYL COENZYME *A'
3 non-polymer GLYCEROL
4 water water
#
_entity_poly.entity_id   1
_entity_poly.type   'polypeptide(L)'
_entity_poly.pdbx_seq_one_letter_code
;MQLRSVIAADHPALFALWSRTPGIRLRAEDAYPFFLAYLQRNPGLSLLVETEGEVIACLMAGHDGRRGYLQHLVVDPGYR
GLGLARRMLDEVLARLAREGIGKSHVFVLDAAEEAQAFWRAQSDWERRKDIQVFSTR
;
_entity_poly.pdbx_strand_id   A,B,C,D,E,F,G
#
# COMPACT_ATOMS: atom_id res chain seq x y z
N MET A 1 28.23 -4.22 -6.32
CA MET A 1 27.22 -4.99 -7.13
C MET A 1 26.40 -6.01 -6.36
N GLN A 2 25.29 -5.53 -5.81
CA GLN A 2 24.49 -6.28 -4.89
C GLN A 2 23.33 -6.93 -5.64
N LEU A 3 23.25 -8.24 -5.54
CA LEU A 3 22.17 -9.03 -6.10
C LEU A 3 21.17 -9.26 -5.00
N ARG A 4 19.88 -9.00 -5.25
CA ARG A 4 18.87 -9.17 -4.26
C ARG A 4 17.52 -9.39 -4.86
N SER A 5 16.60 -9.85 -4.03
CA SER A 5 15.23 -10.05 -4.44
C SER A 5 14.55 -8.73 -4.76
N VAL A 6 13.78 -8.76 -5.82
CA VAL A 6 12.89 -7.64 -6.18
C VAL A 6 11.71 -7.61 -5.20
N ILE A 7 11.37 -6.39 -4.77
CA ILE A 7 10.18 -6.17 -3.94
C ILE A 7 9.30 -5.10 -4.58
N ALA A 8 8.06 -4.97 -4.07
CA ALA A 8 7.08 -4.05 -4.70
C ALA A 8 7.59 -2.64 -4.88
N ALA A 9 8.35 -2.12 -3.91
CA ALA A 9 8.86 -0.78 -3.97
C ALA A 9 9.90 -0.54 -5.10
N ASP A 10 10.40 -1.61 -5.72
CA ASP A 10 11.27 -1.51 -6.86
C ASP A 10 10.57 -1.16 -8.16
N HIS A 11 9.23 -1.11 -8.17
CA HIS A 11 8.55 -0.93 -9.43
C HIS A 11 8.97 0.29 -10.27
N PRO A 12 9.11 1.49 -9.65
CA PRO A 12 9.51 2.63 -10.48
C PRO A 12 10.87 2.45 -11.17
N ALA A 13 11.84 1.91 -10.44
CA ALA A 13 13.17 1.72 -11.00
C ALA A 13 13.19 0.66 -12.08
N LEU A 14 12.46 -0.43 -11.86
CA LEU A 14 12.43 -1.50 -12.85
C LEU A 14 11.66 -1.11 -14.09
N PHE A 15 10.53 -0.40 -13.91
CA PHE A 15 9.74 0.05 -15.06
C PHE A 15 10.56 1.04 -15.92
N ALA A 16 11.33 1.90 -15.26
CA ALA A 16 12.25 2.82 -15.96
C ALA A 16 13.32 2.05 -16.72
N LEU A 17 13.93 1.06 -16.10
CA LEU A 17 14.89 0.20 -16.79
C LEU A 17 14.30 -0.48 -17.99
N TRP A 18 13.12 -1.07 -17.83
CA TRP A 18 12.47 -1.77 -18.94
C TRP A 18 12.17 -0.78 -20.08
N SER A 19 11.71 0.41 -19.72
CA SER A 19 11.36 1.45 -20.69
C SER A 19 12.53 1.89 -21.52
N ARG A 20 13.72 1.96 -20.93
CA ARG A 20 14.91 2.43 -21.67
C ARG A 20 15.72 1.33 -22.35
N THR A 21 15.24 0.09 -22.33
CA THR A 21 15.99 -1.04 -22.89
C THR A 21 15.34 -1.46 -24.21
N PRO A 22 16.07 -1.21 -25.34
CA PRO A 22 15.54 -1.74 -26.59
C PRO A 22 15.42 -3.25 -26.53
N GLY A 23 14.33 -3.77 -27.09
CA GLY A 23 14.07 -5.20 -27.07
C GLY A 23 13.12 -5.65 -25.97
N ILE A 24 12.81 -4.77 -25.02
CA ILE A 24 11.81 -5.08 -23.99
C ILE A 24 10.48 -4.41 -24.36
N ARG A 25 9.46 -5.23 -24.62
CA ARG A 25 8.13 -4.71 -24.95
C ARG A 25 7.34 -4.57 -23.64
N LEU A 26 6.95 -3.35 -23.33
CA LEU A 26 6.09 -3.08 -22.16
C LEU A 26 4.63 -3.35 -22.47
N ARG A 27 3.93 -3.97 -21.53
CA ARG A 27 2.50 -4.26 -21.68
C ARG A 27 1.75 -3.97 -20.38
N ALA A 28 0.43 -4.20 -20.40
CA ALA A 28 -0.44 -3.92 -19.25
C ALA A 28 0.04 -4.57 -17.99
N GLU A 29 0.52 -5.81 -18.11
CA GLU A 29 0.94 -6.63 -16.98
CA GLU A 29 0.96 -6.61 -16.99
C GLU A 29 2.21 -6.08 -16.33
N ASP A 30 2.85 -5.10 -16.96
CA ASP A 30 4.04 -4.49 -16.36
C ASP A 30 3.72 -3.36 -15.40
N ALA A 31 2.44 -2.96 -15.35
CA ALA A 31 2.02 -1.87 -14.48
C ALA A 31 1.93 -2.34 -13.04
N TYR A 32 1.90 -1.34 -12.15
CA TYR A 32 2.07 -1.67 -10.70
C TYR A 32 1.16 -2.79 -10.11
N PRO A 33 -0.14 -2.76 -10.37
CA PRO A 33 -0.99 -3.80 -9.69
C PRO A 33 -0.63 -5.24 -10.07
N PHE A 34 -0.30 -5.42 -11.35
CA PHE A 34 0.13 -6.73 -11.82
C PHE A 34 1.47 -7.14 -11.22
N PHE A 35 2.37 -6.19 -11.15
CA PHE A 35 3.71 -6.39 -10.53
C PHE A 35 3.59 -6.74 -9.09
N LEU A 36 2.74 -5.99 -8.36
CA LEU A 36 2.46 -6.25 -6.94
C LEU A 36 1.92 -7.69 -6.73
N ALA A 37 0.92 -8.10 -7.52
CA ALA A 37 0.39 -9.45 -7.36
C ALA A 37 1.41 -10.50 -7.76
N TYR A 38 2.21 -10.22 -8.78
CA TYR A 38 3.24 -11.16 -9.23
C TYR A 38 4.23 -11.43 -8.13
N LEU A 39 4.70 -10.34 -7.52
CA LEU A 39 5.68 -10.52 -6.44
C LEU A 39 5.10 -11.18 -5.21
N GLN A 40 3.82 -10.95 -4.89
CA GLN A 40 3.18 -11.61 -3.77
CA GLN A 40 3.17 -11.65 -3.78
C GLN A 40 3.06 -13.13 -4.03
N ARG A 41 2.84 -13.48 -5.28
CA ARG A 41 2.71 -14.87 -5.66
C ARG A 41 4.04 -15.60 -5.78
N ASN A 42 5.08 -14.84 -6.15
CA ASN A 42 6.42 -15.39 -6.44
C ASN A 42 7.48 -14.71 -5.58
N PRO A 43 7.31 -14.67 -4.26
CA PRO A 43 8.26 -13.84 -3.49
C PRO A 43 9.70 -14.39 -3.54
N GLY A 44 10.66 -13.48 -3.73
CA GLY A 44 12.04 -13.87 -3.78
C GLY A 44 12.50 -14.53 -5.05
N LEU A 45 11.64 -14.68 -6.02
CA LEU A 45 12.07 -15.38 -7.25
C LEU A 45 12.59 -14.41 -8.33
N SER A 46 12.13 -13.17 -8.35
CA SER A 46 12.68 -12.20 -9.25
C SER A 46 13.84 -11.48 -8.61
N LEU A 47 14.86 -11.18 -9.41
CA LEU A 47 16.12 -10.62 -8.89
C LEU A 47 16.47 -9.33 -9.59
N LEU A 48 17.25 -8.47 -8.90
CA LEU A 48 17.86 -7.34 -9.53
C LEU A 48 19.27 -7.18 -9.02
N VAL A 49 20.06 -6.44 -9.78
CA VAL A 49 21.42 -6.05 -9.35
C VAL A 49 21.42 -4.55 -9.26
N GLU A 50 21.95 -4.03 -8.15
CA GLU A 50 22.07 -2.59 -7.98
C GLU A 50 23.50 -2.22 -7.58
N THR A 51 23.90 -1.06 -8.03
CA THR A 51 25.21 -0.51 -7.70
C THR A 51 25.04 0.99 -7.56
N GLU A 52 25.59 1.54 -6.48
CA GLU A 52 25.55 2.98 -6.22
C GLU A 52 24.10 3.51 -6.22
N GLY A 53 23.20 2.71 -5.66
CA GLY A 53 21.77 3.02 -5.64
C GLY A 53 21.00 2.97 -6.96
N GLU A 54 21.61 2.46 -8.04
CA GLU A 54 20.94 2.38 -9.34
C GLU A 54 20.76 0.91 -9.73
N VAL A 55 19.58 0.58 -10.27
CA VAL A 55 19.34 -0.77 -10.74
C VAL A 55 19.95 -0.92 -12.14
N ILE A 56 20.84 -1.90 -12.28
CA ILE A 56 21.58 -2.12 -13.51
C ILE A 56 21.26 -3.43 -14.19
N ALA A 57 20.48 -4.30 -13.56
CA ALA A 57 20.12 -5.57 -14.19
C ALA A 57 18.93 -6.15 -13.47
N CYS A 58 18.16 -6.95 -14.18
CA CYS A 58 17.03 -7.65 -13.55
C CYS A 58 16.67 -8.92 -14.27
N LEU A 59 15.92 -9.76 -13.56
CA LEU A 59 15.34 -10.94 -14.15
C LEU A 59 14.05 -11.25 -13.34
N MET A 60 12.92 -11.20 -14.03
CA MET A 60 11.63 -11.52 -13.40
C MET A 60 11.34 -13.00 -13.55
N ALA A 61 10.89 -13.63 -12.50
CA ALA A 61 10.62 -15.05 -12.54
C ALA A 61 9.54 -15.46 -11.59
N GLY A 62 8.92 -16.55 -11.92
CA GLY A 62 7.78 -17.05 -11.17
C GLY A 62 7.43 -18.44 -11.62
N HIS A 63 6.41 -19.02 -10.99
CA HIS A 63 5.99 -20.37 -11.38
C HIS A 63 4.52 -20.63 -11.04
N ASP A 64 3.96 -21.63 -11.70
CA ASP A 64 2.58 -22.05 -11.50
C ASP A 64 2.39 -23.34 -10.69
N GLY A 65 3.45 -23.74 -10.01
CA GLY A 65 3.43 -24.97 -9.24
C GLY A 65 3.84 -26.18 -10.07
N ARG A 66 4.08 -26.01 -11.34
CA ARG A 66 4.50 -27.07 -12.27
C ARG A 66 5.75 -26.68 -13.07
N ARG A 67 5.76 -25.48 -13.65
CA ARG A 67 6.85 -24.99 -14.45
C ARG A 67 7.22 -23.59 -14.00
N GLY A 68 8.48 -23.21 -14.25
CA GLY A 68 8.95 -21.85 -14.10
C GLY A 68 8.83 -21.09 -15.40
N TYR A 69 8.67 -19.77 -15.28
CA TYR A 69 8.56 -18.89 -16.43
C TYR A 69 9.38 -17.66 -16.12
N LEU A 70 10.31 -17.31 -16.99
CA LEU A 70 11.17 -16.17 -16.78
C LEU A 70 10.87 -15.11 -17.82
N GLN A 71 10.99 -13.83 -17.42
CA GLN A 71 10.67 -12.69 -18.29
CA GLN A 71 10.87 -12.76 -18.45
C GLN A 71 11.55 -11.48 -18.00
N HIS A 72 11.66 -10.54 -18.94
CA HIS A 72 12.34 -9.27 -18.69
C HIS A 72 13.77 -9.42 -18.09
N LEU A 73 14.59 -10.28 -18.72
CA LEU A 73 15.98 -10.33 -18.45
C LEU A 73 16.67 -9.10 -19.09
N VAL A 74 17.33 -8.29 -18.28
CA VAL A 74 17.97 -7.07 -18.71
C VAL A 74 19.28 -6.89 -17.99
N VAL A 75 20.30 -6.52 -18.73
CA VAL A 75 21.52 -5.94 -18.17
C VAL A 75 21.74 -4.61 -18.91
N ASP A 76 21.88 -3.54 -18.13
CA ASP A 76 22.24 -2.22 -18.67
C ASP A 76 23.48 -2.31 -19.54
N PRO A 77 23.49 -1.60 -20.71
CA PRO A 77 24.59 -1.71 -21.67
C PRO A 77 25.99 -1.49 -21.07
N GLY A 78 26.09 -0.60 -20.08
CA GLY A 78 27.34 -0.33 -19.43
C GLY A 78 27.93 -1.45 -18.59
N TYR A 79 27.12 -2.48 -18.31
CA TYR A 79 27.51 -3.57 -17.45
C TYR A 79 27.39 -4.92 -18.17
N ARG A 80 27.31 -4.93 -19.50
CA ARG A 80 27.27 -6.20 -20.25
C ARG A 80 28.61 -6.87 -20.37
N GLY A 81 28.53 -8.19 -20.57
CA GLY A 81 29.71 -9.01 -20.72
C GLY A 81 30.46 -9.29 -19.44
N LEU A 82 29.79 -9.13 -18.29
CA LEU A 82 30.40 -9.36 -16.99
C LEU A 82 29.82 -10.58 -16.31
N GLY A 83 28.89 -11.27 -16.97
CA GLY A 83 28.28 -12.45 -16.39
C GLY A 83 27.09 -12.17 -15.51
N LEU A 84 26.57 -10.94 -15.55
CA LEU A 84 25.42 -10.62 -14.67
C LEU A 84 24.15 -11.38 -15.03
N ALA A 85 23.90 -11.58 -16.32
CA ALA A 85 22.69 -12.30 -16.72
C ALA A 85 22.82 -13.74 -16.24
N ARG A 86 23.98 -14.32 -16.48
CA ARG A 86 24.22 -15.72 -16.04
C ARG A 86 24.13 -15.82 -14.51
N ARG A 87 24.63 -14.82 -13.78
CA ARG A 87 24.57 -14.82 -12.32
C ARG A 87 23.10 -14.86 -11.84
N MET A 88 22.27 -14.02 -12.46
CA MET A 88 20.84 -13.98 -12.10
C MET A 88 20.13 -15.26 -12.49
N LEU A 89 20.43 -15.77 -13.69
CA LEU A 89 19.80 -16.99 -14.12
CA LEU A 89 19.82 -17.01 -14.18
C LEU A 89 20.12 -18.16 -13.22
N ASP A 90 21.39 -18.31 -12.86
CA ASP A 90 21.80 -19.46 -11.98
C ASP A 90 21.02 -19.37 -10.65
N GLU A 91 20.93 -18.16 -10.11
CA GLU A 91 20.29 -17.98 -8.81
C GLU A 91 18.76 -18.23 -8.89
N VAL A 92 18.09 -17.69 -9.90
CA VAL A 92 16.67 -17.94 -10.11
C VAL A 92 16.39 -19.44 -10.24
N LEU A 93 17.18 -20.12 -11.06
CA LEU A 93 16.95 -21.54 -11.27
C LEU A 93 17.14 -22.34 -10.01
N ALA A 94 18.10 -21.95 -9.19
CA ALA A 94 18.31 -22.60 -7.89
C ALA A 94 17.12 -22.42 -6.96
N ARG A 95 16.60 -21.20 -6.91
CA ARG A 95 15.46 -20.90 -6.06
C ARG A 95 14.25 -21.69 -6.55
N LEU A 96 14.03 -21.73 -7.87
CA LEU A 96 12.90 -22.49 -8.44
C LEU A 96 13.05 -23.96 -8.10
N ALA A 97 14.29 -24.49 -8.16
CA ALA A 97 14.52 -25.90 -7.84
C ALA A 97 14.15 -26.19 -6.37
N ARG A 98 14.50 -25.29 -5.46
CA ARG A 98 14.12 -25.43 -4.05
C ARG A 98 12.60 -25.58 -3.92
N GLU A 99 11.85 -24.83 -4.73
CA GLU A 99 10.37 -24.84 -4.65
C GLU A 99 9.74 -25.98 -5.43
N GLY A 100 10.57 -26.89 -5.95
CA GLY A 100 10.11 -28.09 -6.66
C GLY A 100 9.88 -27.89 -8.13
N ILE A 101 10.48 -26.86 -8.70
CA ILE A 101 10.27 -26.53 -10.10
C ILE A 101 11.57 -26.88 -10.82
N GLY A 102 11.49 -27.98 -11.52
CA GLY A 102 12.63 -28.53 -12.19
C GLY A 102 12.77 -28.23 -13.66
N LYS A 103 11.74 -27.65 -14.28
CA LYS A 103 11.77 -27.24 -15.69
C LYS A 103 11.12 -25.88 -15.85
N SER A 104 11.81 -25.00 -16.58
CA SER A 104 11.38 -23.65 -16.80
C SER A 104 11.40 -23.33 -18.27
N HIS A 105 10.66 -22.31 -18.63
CA HIS A 105 10.45 -21.87 -20.00
C HIS A 105 10.67 -20.38 -20.12
N VAL A 106 11.11 -19.97 -21.30
CA VAL A 106 11.05 -18.57 -21.72
C VAL A 106 10.39 -18.52 -23.09
N PHE A 107 9.63 -17.45 -23.34
CA PHE A 107 9.02 -17.16 -24.65
CA PHE A 107 9.04 -17.18 -24.66
C PHE A 107 9.81 -15.99 -25.25
N VAL A 108 10.22 -16.09 -26.50
CA VAL A 108 10.99 -15.06 -27.15
C VAL A 108 10.38 -14.80 -28.51
N LEU A 109 10.10 -13.54 -28.81
CA LEU A 109 9.56 -13.16 -30.09
C LEU A 109 10.51 -13.49 -31.22
N ASP A 110 9.97 -13.99 -32.33
CA ASP A 110 10.80 -14.35 -33.52
C ASP A 110 11.55 -13.12 -34.01
N ALA A 111 10.90 -11.96 -33.91
CA ALA A 111 11.48 -10.68 -34.37
C ALA A 111 12.61 -10.14 -33.47
N ALA A 112 12.71 -10.63 -32.23
CA ALA A 112 13.78 -10.24 -31.30
C ALA A 112 15.10 -11.00 -31.57
N GLU A 113 15.81 -10.58 -32.61
CA GLU A 113 17.00 -11.29 -33.10
C GLU A 113 18.12 -11.43 -32.04
N GLU A 114 18.38 -10.36 -31.28
CA GLU A 114 19.45 -10.33 -30.27
C GLU A 114 19.07 -11.21 -29.07
N ALA A 115 17.81 -11.16 -28.61
CA ALA A 115 17.37 -12.10 -27.59
C ALA A 115 17.46 -13.56 -28.02
N GLN A 116 17.03 -13.87 -29.24
CA GLN A 116 17.13 -15.25 -29.72
C GLN A 116 18.59 -15.73 -29.65
N ALA A 117 19.48 -14.88 -30.09
CA ALA A 117 20.91 -15.22 -30.11
C ALA A 117 21.39 -15.52 -28.67
N PHE A 118 21.00 -14.70 -27.70
CA PHE A 118 21.36 -14.92 -26.32
C PHE A 118 20.91 -16.31 -25.86
N TRP A 119 19.62 -16.62 -26.05
CA TRP A 119 19.08 -17.84 -25.55
C TRP A 119 19.63 -19.10 -26.27
N ARG A 120 19.90 -19.02 -27.56
CA ARG A 120 20.53 -20.14 -28.27
C ARG A 120 21.90 -20.44 -27.71
N ALA A 121 22.57 -19.44 -27.15
CA ALA A 121 23.94 -19.61 -26.62
C ALA A 121 23.99 -20.15 -25.20
N GLN A 122 22.85 -20.30 -24.52
CA GLN A 122 22.87 -20.87 -23.19
C GLN A 122 22.77 -22.38 -23.24
N SER A 123 23.80 -23.08 -22.77
CA SER A 123 23.90 -24.54 -22.99
C SER A 123 22.95 -25.33 -22.08
N ASP A 124 22.45 -24.70 -21.00
CA ASP A 124 21.47 -25.28 -20.11
C ASP A 124 20.01 -25.11 -20.58
N TRP A 125 19.84 -24.50 -21.76
CA TRP A 125 18.51 -24.28 -22.35
C TRP A 125 18.49 -24.88 -23.75
N GLU A 126 17.29 -25.20 -24.24
CA GLU A 126 17.12 -25.70 -25.59
C GLU A 126 15.88 -25.10 -26.22
N ARG A 127 16.03 -24.71 -27.45
CA ARG A 127 14.91 -24.25 -28.25
C ARG A 127 14.00 -25.42 -28.57
N ARG A 128 12.72 -25.26 -28.32
CA ARG A 128 11.77 -26.35 -28.49
C ARG A 128 11.29 -26.46 -29.93
N LYS A 129 11.52 -27.63 -30.55
CA LYS A 129 11.05 -27.89 -31.89
C LYS A 129 10.09 -29.06 -31.92
N ASP A 130 9.55 -29.40 -30.75
CA ASP A 130 8.69 -30.56 -30.59
C ASP A 130 7.26 -30.20 -30.22
N ILE A 131 6.97 -28.91 -30.06
CA ILE A 131 5.72 -28.44 -29.51
C ILE A 131 5.19 -27.26 -30.30
N GLN A 132 3.88 -27.10 -30.23
CA GLN A 132 3.22 -25.85 -30.66
C GLN A 132 2.67 -25.20 -29.42
N VAL A 133 2.62 -23.87 -29.42
CA VAL A 133 1.96 -23.11 -28.35
C VAL A 133 0.66 -22.58 -28.94
N PHE A 134 -0.42 -22.76 -28.19
CA PHE A 134 -1.68 -22.09 -28.50
C PHE A 134 -1.96 -21.17 -27.35
N SER A 135 -2.41 -19.95 -27.67
CA SER A 135 -2.73 -18.96 -26.68
C SER A 135 -4.14 -18.41 -26.88
N THR A 136 -4.74 -17.95 -25.78
CA THR A 136 -6.03 -17.31 -25.91
C THR A 136 -5.88 -16.00 -26.73
N ARG A 137 -6.90 -15.70 -27.50
CA ARG A 137 -6.93 -14.53 -28.41
C ARG A 137 -7.16 -13.17 -27.75
N MET B 1 -24.29 -35.13 -14.19
CA MET B 1 -22.95 -34.56 -14.64
C MET B 1 -22.47 -33.30 -13.94
N GLN B 2 -21.75 -33.51 -12.85
CA GLN B 2 -21.45 -32.45 -11.91
C GLN B 2 -20.03 -31.98 -12.24
N LEU B 3 -19.90 -30.70 -12.49
CA LEU B 3 -18.63 -30.03 -12.68
C LEU B 3 -18.22 -29.44 -11.35
N ARG B 4 -16.98 -29.68 -10.90
CA ARG B 4 -16.53 -29.15 -9.63
C ARG B 4 -15.01 -28.99 -9.61
N SER B 5 -14.55 -28.26 -8.61
CA SER B 5 -13.11 -28.07 -8.37
C SER B 5 -12.45 -29.40 -7.95
N VAL B 6 -11.29 -29.62 -8.53
CA VAL B 6 -10.42 -30.70 -8.12
C VAL B 6 -9.80 -30.37 -6.76
N ILE B 7 -9.76 -31.35 -5.87
CA ILE B 7 -9.08 -31.26 -4.58
C ILE B 7 -8.11 -32.42 -4.43
N ALA B 8 -7.26 -32.33 -3.40
CA ALA B 8 -6.20 -33.31 -3.24
C ALA B 8 -6.64 -34.74 -3.19
N ALA B 9 -7.80 -35.02 -2.57
CA ALA B 9 -8.35 -36.34 -2.48
C ALA B 9 -8.74 -36.95 -3.81
N ASP B 10 -8.82 -36.12 -4.87
CA ASP B 10 -9.14 -36.61 -6.19
C ASP B 10 -7.95 -37.23 -6.91
N HIS B 11 -6.75 -37.23 -6.28
CA HIS B 11 -5.60 -37.72 -7.01
C HIS B 11 -5.71 -39.15 -7.56
N PRO B 12 -6.16 -40.13 -6.76
CA PRO B 12 -6.23 -41.50 -7.29
C PRO B 12 -7.14 -41.60 -8.51
N ALA B 13 -8.29 -40.95 -8.47
CA ALA B 13 -9.23 -41.07 -9.60
C ALA B 13 -8.67 -40.37 -10.84
N LEU B 14 -8.04 -39.24 -10.65
CA LEU B 14 -7.51 -38.47 -11.75
C LEU B 14 -6.29 -39.17 -12.36
N PHE B 15 -5.39 -39.67 -11.51
CA PHE B 15 -4.26 -40.39 -12.02
C PHE B 15 -4.68 -41.61 -12.84
N ALA B 16 -5.72 -42.32 -12.38
CA ALA B 16 -6.26 -43.47 -13.07
C ALA B 16 -6.83 -43.07 -14.41
N LEU B 17 -7.54 -41.95 -14.43
CA LEU B 17 -8.06 -41.41 -15.71
C LEU B 17 -6.94 -41.08 -16.69
N TRP B 18 -5.93 -40.40 -16.21
CA TRP B 18 -4.76 -40.04 -17.05
C TRP B 18 -4.10 -41.30 -17.59
N SER B 19 -3.92 -42.29 -16.71
CA SER B 19 -3.24 -43.53 -17.07
C SER B 19 -3.95 -44.31 -18.15
N ARG B 20 -5.28 -44.29 -18.19
CA ARG B 20 -6.04 -45.02 -19.20
C ARG B 20 -6.38 -44.20 -20.46
N THR B 21 -5.83 -43.00 -20.59
CA THR B 21 -6.14 -42.12 -21.73
C THR B 21 -4.95 -42.04 -22.67
N PRO B 22 -5.07 -42.70 -23.86
CA PRO B 22 -4.03 -42.49 -24.85
C PRO B 22 -3.85 -41.02 -25.21
N GLY B 23 -2.61 -40.60 -25.34
CA GLY B 23 -2.28 -39.20 -25.63
C GLY B 23 -1.90 -38.39 -24.41
N ILE B 24 -2.11 -38.93 -23.22
CA ILE B 24 -1.66 -38.28 -21.99
C ILE B 24 -0.35 -38.94 -21.52
N ARG B 25 0.73 -38.17 -21.52
CA ARG B 25 2.02 -38.65 -21.03
C ARG B 25 2.08 -38.35 -19.53
N LEU B 26 2.22 -39.40 -18.73
CA LEU B 26 2.46 -39.26 -17.28
C LEU B 26 3.93 -38.98 -16.96
N ARG B 27 4.18 -38.06 -16.04
CA ARG B 27 5.55 -37.74 -15.62
C ARG B 27 5.62 -37.60 -14.11
N ALA B 28 6.81 -37.28 -13.59
CA ALA B 28 7.04 -37.17 -12.17
C ALA B 28 6.11 -36.22 -11.50
N GLU B 29 5.81 -35.08 -12.16
CA GLU B 29 4.97 -34.02 -11.66
CA GLU B 29 4.97 -34.01 -11.62
C GLU B 29 3.52 -34.39 -11.51
N ASP B 30 3.18 -35.59 -12.06
CA ASP B 30 1.82 -36.07 -11.89
C ASP B 30 1.59 -36.88 -10.63
N ALA B 31 2.66 -37.11 -9.90
CA ALA B 31 2.54 -37.89 -8.66
C ALA B 31 1.99 -37.01 -7.56
N TYR B 32 1.54 -37.65 -6.48
CA TYR B 32 0.79 -36.92 -5.46
C TYR B 32 1.43 -35.64 -4.91
N PRO B 33 2.71 -35.65 -4.50
CA PRO B 33 3.23 -34.43 -3.84
C PRO B 33 3.18 -33.21 -4.75
N PHE B 34 3.50 -33.41 -6.01
CA PHE B 34 3.41 -32.31 -7.00
C PHE B 34 1.99 -31.86 -7.22
N PHE B 35 1.05 -32.80 -7.27
CA PHE B 35 -0.36 -32.51 -7.41
C PHE B 35 -0.88 -31.72 -6.20
N LEU B 36 -0.47 -32.15 -5.01
CA LEU B 36 -0.83 -31.48 -3.77
C LEU B 36 -0.32 -30.01 -3.79
N ALA B 37 0.94 -29.80 -4.14
CA ALA B 37 1.51 -28.46 -4.12
C ALA B 37 0.82 -27.60 -5.21
N TYR B 38 0.52 -28.23 -6.35
CA TYR B 38 -0.15 -27.52 -7.48
C TYR B 38 -1.49 -27.02 -7.06
N LEU B 39 -2.28 -27.88 -6.41
CA LEU B 39 -3.61 -27.50 -5.98
C LEU B 39 -3.58 -26.45 -4.89
N GLN B 40 -2.57 -26.50 -3.98
CA GLN B 40 -2.44 -25.44 -2.97
CA GLN B 40 -2.45 -25.48 -2.96
C GLN B 40 -2.12 -24.12 -3.57
N ARG B 41 -1.35 -24.13 -4.63
CA ARG B 41 -0.97 -22.89 -5.32
C ARG B 41 -2.09 -22.33 -6.18
N ASN B 42 -2.89 -23.22 -6.72
CA ASN B 42 -3.94 -22.89 -7.74
C ASN B 42 -5.33 -23.41 -7.28
N PRO B 43 -5.78 -23.07 -6.08
CA PRO B 43 -7.01 -23.67 -5.59
C PRO B 43 -8.23 -23.27 -6.42
N GLY B 44 -9.04 -24.25 -6.75
CA GLY B 44 -10.20 -24.07 -7.55
C GLY B 44 -10.02 -23.82 -9.01
N LEU B 45 -8.83 -23.85 -9.52
CA LEU B 45 -8.62 -23.59 -10.93
C LEU B 45 -8.62 -24.86 -11.80
N SER B 46 -8.33 -26.01 -11.21
CA SER B 46 -8.50 -27.24 -11.96
C SER B 46 -9.87 -27.81 -11.69
N LEU B 47 -10.46 -28.40 -12.74
CA LEU B 47 -11.83 -28.88 -12.69
C LEU B 47 -11.94 -30.35 -13.08
N LEU B 48 -13.00 -31.02 -12.60
CA LEU B 48 -13.37 -32.32 -13.13
C LEU B 48 -14.87 -32.41 -13.30
N VAL B 49 -15.29 -33.38 -14.10
CA VAL B 49 -16.72 -33.73 -14.24
C VAL B 49 -16.87 -35.15 -13.73
N GLU B 50 -17.89 -35.35 -12.87
CA GLU B 50 -18.20 -36.70 -12.39
C GLU B 50 -19.65 -37.04 -12.65
N THR B 51 -19.90 -38.31 -12.89
CA THR B 51 -21.28 -38.82 -12.98
C THR B 51 -21.30 -40.20 -12.32
N GLU B 52 -22.32 -40.44 -11.48
CA GLU B 52 -22.51 -41.74 -10.80
C GLU B 52 -21.26 -42.13 -9.98
N GLY B 53 -20.65 -41.12 -9.35
CA GLY B 53 -19.42 -41.32 -8.57
C GLY B 53 -18.14 -41.60 -9.33
N GLU B 54 -18.16 -41.49 -10.68
CA GLU B 54 -16.96 -41.74 -11.50
C GLU B 54 -16.52 -40.46 -12.17
N VAL B 55 -15.22 -40.21 -12.16
CA VAL B 55 -14.67 -39.06 -12.87
C VAL B 55 -14.57 -39.37 -14.36
N ILE B 56 -15.19 -38.53 -15.17
CA ILE B 56 -15.28 -38.74 -16.61
C ILE B 56 -14.52 -37.68 -17.43
N ALA B 57 -14.07 -36.59 -16.79
CA ALA B 57 -13.39 -35.53 -17.52
C ALA B 57 -12.63 -34.66 -16.53
N CYS B 58 -11.52 -34.06 -16.99
CA CYS B 58 -10.75 -33.17 -16.19
C CYS B 58 -10.02 -32.13 -17.02
N LEU B 59 -9.61 -31.07 -16.33
CA LEU B 59 -8.73 -30.06 -16.90
C LEU B 59 -7.94 -29.47 -15.75
N MET B 60 -6.63 -29.56 -15.83
CA MET B 60 -5.75 -29.00 -14.79
C MET B 60 -5.34 -27.61 -15.25
N ALA B 61 -5.39 -26.66 -14.33
CA ALA B 61 -5.00 -25.29 -14.68
C ALA B 61 -4.42 -24.56 -13.51
N GLY B 62 -3.65 -23.56 -13.83
CA GLY B 62 -2.92 -22.80 -12.82
C GLY B 62 -2.33 -21.54 -13.47
N HIS B 63 -1.66 -20.75 -12.67
CA HIS B 63 -1.06 -19.55 -13.22
C HIS B 63 0.12 -19.11 -12.34
N ASP B 64 0.99 -18.27 -12.94
CA ASP B 64 2.17 -17.75 -12.29
C ASP B 64 2.08 -16.32 -11.88
N GLY B 65 0.85 -15.79 -11.92
CA GLY B 65 0.64 -14.36 -11.61
C GLY B 65 0.69 -13.51 -12.84
N ARG B 66 1.03 -14.04 -14.00
CA ARG B 66 1.10 -13.30 -15.28
C ARG B 66 0.31 -13.98 -16.36
N ARG B 67 0.47 -15.28 -16.56
CA ARG B 67 -0.19 -16.04 -17.55
C ARG B 67 -0.78 -17.31 -16.96
N GLY B 68 -1.83 -17.79 -17.59
CA GLY B 68 -2.43 -19.08 -17.27
C GLY B 68 -1.84 -20.19 -18.11
N TYR B 69 -1.80 -21.39 -17.53
CA TYR B 69 -1.25 -22.58 -18.26
C TYR B 69 -2.15 -23.74 -17.95
N LEU B 70 -2.64 -24.44 -19.01
CA LEU B 70 -3.55 -25.54 -18.84
C LEU B 70 -2.92 -26.81 -19.32
N GLN B 71 -3.29 -27.89 -18.66
CA GLN B 71 -2.78 -29.21 -19.12
C GLN B 71 -3.71 -30.33 -18.72
N HIS B 72 -3.44 -31.52 -19.27
CA HIS B 72 -4.21 -32.74 -18.94
C HIS B 72 -5.71 -32.56 -19.13
N LEU B 73 -6.07 -31.95 -20.26
CA LEU B 73 -7.44 -31.93 -20.72
C LEU B 73 -7.85 -33.32 -21.16
N VAL B 74 -8.83 -33.94 -20.49
CA VAL B 74 -9.29 -35.28 -20.81
C VAL B 74 -10.82 -35.39 -20.72
N VAL B 75 -11.44 -36.06 -21.70
CA VAL B 75 -12.81 -36.52 -21.60
C VAL B 75 -12.75 -38.02 -21.91
N ASP B 76 -13.36 -38.81 -21.03
CA ASP B 76 -13.49 -40.25 -21.23
C ASP B 76 -14.19 -40.52 -22.57
N PRO B 77 -13.72 -41.55 -23.33
CA PRO B 77 -14.27 -41.82 -24.67
C PRO B 77 -15.78 -41.99 -24.75
N GLY B 78 -16.39 -42.54 -23.69
CA GLY B 78 -17.82 -42.71 -23.63
C GLY B 78 -18.65 -41.45 -23.55
N TYR B 79 -17.99 -40.32 -23.31
CA TYR B 79 -18.64 -39.06 -23.09
C TYR B 79 -18.13 -37.99 -23.99
N ARG B 80 -17.47 -38.36 -25.10
CA ARG B 80 -16.98 -37.38 -26.03
C ARG B 80 -18.04 -36.85 -26.96
N GLY B 81 -17.79 -35.65 -27.46
CA GLY B 81 -18.71 -34.96 -28.33
C GLY B 81 -19.96 -34.40 -27.66
N LEU B 82 -19.89 -34.21 -26.34
CA LEU B 82 -20.99 -33.68 -25.54
C LEU B 82 -20.67 -32.27 -24.99
N GLY B 83 -19.51 -31.69 -25.37
CA GLY B 83 -19.20 -30.34 -24.97
C GLY B 83 -18.49 -30.27 -23.61
N LEU B 84 -18.08 -31.43 -23.05
CA LEU B 84 -17.47 -31.40 -21.70
C LEU B 84 -16.14 -30.68 -21.63
N ALA B 85 -15.31 -30.80 -22.69
CA ALA B 85 -14.04 -30.09 -22.70
C ALA B 85 -14.29 -28.57 -22.80
N ARG B 86 -15.19 -28.18 -23.71
CA ARG B 86 -15.57 -26.77 -23.82
C ARG B 86 -16.15 -26.24 -22.51
N ARG B 87 -16.95 -27.05 -21.82
CA ARG B 87 -17.55 -26.58 -20.55
C ARG B 87 -16.45 -26.28 -19.50
N MET B 88 -15.50 -27.20 -19.39
CA MET B 88 -14.39 -27.02 -18.46
C MET B 88 -13.53 -25.84 -18.86
N LEU B 89 -13.23 -25.69 -20.14
CA LEU B 89 -12.42 -24.60 -20.66
C LEU B 89 -13.06 -23.24 -20.32
N ASP B 90 -14.35 -23.13 -20.59
CA ASP B 90 -15.05 -21.85 -20.31
C ASP B 90 -14.93 -21.49 -18.82
N GLU B 91 -15.08 -22.46 -17.94
CA GLU B 91 -15.10 -22.19 -16.52
C GLU B 91 -13.71 -21.87 -16.02
N VAL B 92 -12.69 -22.60 -16.48
CA VAL B 92 -11.31 -22.33 -16.07
C VAL B 92 -10.94 -20.92 -16.50
N LEU B 93 -11.28 -20.55 -17.74
CA LEU B 93 -10.87 -19.23 -18.27
C LEU B 93 -11.55 -18.14 -17.48
N ALA B 94 -12.79 -18.37 -17.05
CA ALA B 94 -13.49 -17.39 -16.22
C ALA B 94 -12.83 -17.22 -14.88
N ARG B 95 -12.47 -18.31 -14.25
CA ARG B 95 -11.82 -18.26 -12.94
C ARG B 95 -10.47 -17.60 -13.06
N LEU B 96 -9.72 -17.92 -14.11
CA LEU B 96 -8.42 -17.24 -14.33
C LEU B 96 -8.62 -15.74 -14.48
N ALA B 97 -9.66 -15.34 -15.24
CA ALA B 97 -9.89 -13.92 -15.47
C ALA B 97 -10.20 -13.18 -14.15
N ARG B 98 -10.96 -13.83 -13.28
CA ARG B 98 -11.22 -13.24 -11.94
C ARG B 98 -9.90 -12.95 -11.20
N GLU B 99 -8.92 -13.83 -11.38
CA GLU B 99 -7.62 -13.73 -10.71
C GLU B 99 -6.65 -12.77 -11.46
N GLY B 100 -7.11 -12.09 -12.51
CA GLY B 100 -6.34 -11.13 -13.24
C GLY B 100 -5.51 -11.72 -14.32
N ILE B 101 -5.86 -12.92 -14.73
CA ILE B 101 -5.06 -13.62 -15.77
C ILE B 101 -5.93 -13.57 -17.03
N GLY B 102 -5.45 -12.74 -17.92
CA GLY B 102 -6.18 -12.46 -19.16
C GLY B 102 -5.68 -13.19 -20.38
N LYS B 103 -4.52 -13.86 -20.27
CA LYS B 103 -3.99 -14.66 -21.40
C LYS B 103 -3.44 -15.95 -20.85
N SER B 104 -3.76 -17.03 -21.55
CA SER B 104 -3.40 -18.37 -21.16
C SER B 104 -2.80 -19.12 -22.33
N HIS B 105 -2.00 -20.14 -22.00
CA HIS B 105 -1.24 -20.91 -22.98
C HIS B 105 -1.46 -22.40 -22.75
N VAL B 106 -1.35 -23.15 -23.83
CA VAL B 106 -1.18 -24.60 -23.78
C VAL B 106 -0.03 -24.98 -24.70
N PHE B 107 0.71 -26.00 -24.30
CA PHE B 107 1.77 -26.61 -25.10
CA PHE B 107 1.77 -26.59 -25.13
C PHE B 107 1.24 -27.93 -25.62
N VAL B 108 1.38 -28.18 -26.90
CA VAL B 108 0.82 -29.42 -27.51
C VAL B 108 1.91 -30.01 -28.40
N LEU B 109 2.22 -31.27 -28.15
CA LEU B 109 3.25 -31.94 -28.93
C LEU B 109 2.89 -31.96 -30.38
N ASP B 110 3.88 -31.70 -31.26
CA ASP B 110 3.67 -31.72 -32.70
C ASP B 110 3.15 -33.11 -33.15
N ALA B 111 3.63 -34.16 -32.49
CA ALA B 111 3.25 -35.55 -32.83
C ALA B 111 1.81 -35.90 -32.42
N ALA B 112 1.22 -35.14 -31.49
CA ALA B 112 -0.13 -35.39 -30.99
C ALA B 112 -1.20 -34.87 -31.97
N GLU B 113 -1.44 -35.64 -33.01
CA GLU B 113 -2.25 -35.17 -34.14
C GLU B 113 -3.69 -34.85 -33.74
N GLU B 114 -4.27 -35.65 -32.86
CA GLU B 114 -5.65 -35.41 -32.44
C GLU B 114 -5.74 -34.20 -31.53
N ALA B 115 -4.82 -34.07 -30.60
CA ALA B 115 -4.81 -32.89 -29.74
C ALA B 115 -4.62 -31.62 -30.58
N GLN B 116 -3.73 -31.66 -31.56
CA GLN B 116 -3.54 -30.49 -32.45
C GLN B 116 -4.84 -30.10 -33.14
N ALA B 117 -5.56 -31.11 -33.63
CA ALA B 117 -6.83 -30.89 -34.32
C ALA B 117 -7.85 -30.24 -33.37
N PHE B 118 -7.92 -30.74 -32.15
CA PHE B 118 -8.79 -30.17 -31.11
C PHE B 118 -8.49 -28.67 -30.88
N TRP B 119 -7.23 -28.33 -30.64
CA TRP B 119 -6.88 -26.95 -30.34
C TRP B 119 -7.04 -26.01 -31.55
N ARG B 120 -6.72 -26.48 -32.76
CA ARG B 120 -6.94 -25.67 -33.97
C ARG B 120 -8.41 -25.32 -34.18
N ALA B 121 -9.31 -26.16 -33.66
CA ALA B 121 -10.77 -25.94 -33.78
C ALA B 121 -11.37 -25.02 -32.73
N GLN B 122 -10.60 -24.61 -31.71
CA GLN B 122 -11.12 -23.69 -30.70
C GLN B 122 -10.92 -22.23 -31.15
N SER B 123 -12.01 -21.54 -31.45
CA SER B 123 -11.90 -20.21 -32.05
C SER B 123 -11.38 -19.12 -31.10
N ASP B 124 -11.45 -19.36 -29.78
CA ASP B 124 -10.89 -18.50 -28.76
C ASP B 124 -9.41 -18.69 -28.51
N TRP B 125 -8.80 -19.65 -29.21
CA TRP B 125 -7.35 -19.89 -29.10
C TRP B 125 -6.74 -19.72 -30.49
N GLU B 126 -5.45 -19.38 -30.49
CA GLU B 126 -4.68 -19.28 -31.72
C GLU B 126 -3.33 -19.97 -31.58
N ARG B 127 -2.95 -20.65 -32.65
CA ARG B 127 -1.64 -21.26 -32.73
C ARG B 127 -0.60 -20.18 -32.95
N ARG B 128 0.42 -20.19 -32.13
CA ARG B 128 1.41 -19.11 -32.16
C ARG B 128 2.46 -19.37 -33.23
N LYS B 129 2.62 -18.40 -34.11
CA LYS B 129 3.66 -18.46 -35.17
C LYS B 129 4.61 -17.31 -35.07
N ASP B 130 4.62 -16.65 -33.92
CA ASP B 130 5.39 -15.44 -33.69
C ASP B 130 6.44 -15.59 -32.60
N ILE B 131 6.54 -16.78 -31.97
CA ILE B 131 7.38 -16.98 -30.80
C ILE B 131 8.18 -18.27 -30.91
N GLN B 132 9.32 -18.28 -30.21
CA GLN B 132 10.06 -19.49 -29.93
C GLN B 132 10.03 -19.75 -28.46
N VAL B 133 9.97 -21.03 -28.09
CA VAL B 133 10.05 -21.41 -26.69
C VAL B 133 11.40 -22.03 -26.42
N PHE B 134 12.06 -21.59 -25.36
CA PHE B 134 13.28 -22.24 -24.88
C PHE B 134 12.94 -22.82 -23.54
N SER B 135 13.46 -24.03 -23.26
CA SER B 135 13.23 -24.70 -21.98
C SER B 135 14.53 -25.17 -21.40
N THR B 136 14.56 -25.29 -20.09
CA THR B 136 15.71 -25.88 -19.44
C THR B 136 15.85 -27.36 -19.83
N ARG B 137 17.07 -27.80 -19.94
CA ARG B 137 17.43 -29.19 -20.40
C ARG B 137 17.20 -30.27 -19.34
N MET C 1 -24.65 -10.67 12.23
CA MET C 1 -24.31 -9.65 11.14
C MET C 1 -23.13 -8.72 11.40
N GLN C 2 -21.96 -9.20 10.99
CA GLN C 2 -20.70 -8.59 11.35
C GLN C 2 -20.28 -7.70 10.21
N LEU C 3 -20.06 -6.43 10.53
CA LEU C 3 -19.50 -5.45 9.60
C LEU C 3 -18.01 -5.39 9.83
N ARG C 4 -17.21 -5.49 8.76
CA ARG C 4 -15.77 -5.43 8.91
C ARG C 4 -15.09 -4.95 7.64
N SER C 5 -13.80 -4.64 7.78
CA SER C 5 -12.99 -4.21 6.65
C SER C 5 -12.74 -5.36 5.68
N VAL C 6 -12.86 -5.04 4.42
CA VAL C 6 -12.47 -5.95 3.34
C VAL C 6 -10.94 -6.09 3.36
N ILE C 7 -10.50 -7.34 3.21
CA ILE C 7 -9.07 -7.65 3.02
C ILE C 7 -8.89 -8.50 1.73
N ALA C 8 -7.64 -8.62 1.31
CA ALA C 8 -7.37 -9.27 0.00
C ALA C 8 -7.97 -10.66 -0.16
N ALA C 9 -8.01 -11.45 0.92
CA ALA C 9 -8.55 -12.81 0.89
C ALA C 9 -10.05 -12.83 0.64
N ASP C 10 -10.71 -11.68 0.74
CA ASP C 10 -12.14 -11.60 0.45
C ASP C 10 -12.46 -11.50 -1.02
N HIS C 11 -11.45 -11.46 -1.93
CA HIS C 11 -11.75 -11.26 -3.33
C HIS C 11 -12.71 -12.28 -3.93
N PRO C 12 -12.49 -13.60 -3.72
CA PRO C 12 -13.40 -14.53 -4.36
C PRO C 12 -14.83 -14.36 -3.97
N ALA C 13 -15.10 -14.17 -2.68
CA ALA C 13 -16.47 -14.00 -2.20
C ALA C 13 -17.10 -12.70 -2.73
N LEU C 14 -16.32 -11.64 -2.75
CA LEU C 14 -16.83 -10.36 -3.27
C LEU C 14 -17.04 -10.36 -4.75
N PHE C 15 -16.09 -10.94 -5.53
CA PHE C 15 -16.27 -11.00 -6.95
C PHE C 15 -17.54 -11.79 -7.28
N ALA C 16 -17.77 -12.87 -6.55
CA ALA C 16 -18.96 -13.72 -6.77
C ALA C 16 -20.22 -12.92 -6.47
N LEU C 17 -20.19 -12.16 -5.39
CA LEU C 17 -21.33 -11.28 -5.03
C LEU C 17 -21.62 -10.28 -6.12
N TRP C 18 -20.55 -9.60 -6.57
CA TRP C 18 -20.70 -8.62 -7.65
C TRP C 18 -21.26 -9.26 -8.92
N SER C 19 -20.75 -10.44 -9.23
CA SER C 19 -21.16 -11.15 -10.42
C SER C 19 -22.62 -11.56 -10.44
N ARG C 20 -23.19 -11.89 -9.28
CA ARG C 20 -24.58 -12.33 -9.21
C ARG C 20 -25.58 -11.20 -8.96
N THR C 21 -25.13 -9.95 -8.95
CA THR C 21 -25.99 -8.81 -8.63
C THR C 21 -26.27 -7.98 -9.89
N PRO C 22 -27.47 -8.05 -10.39
CA PRO C 22 -27.81 -7.21 -11.52
C PRO C 22 -27.58 -5.77 -11.23
N GLY C 23 -27.02 -5.06 -12.20
CA GLY C 23 -26.73 -3.65 -12.04
C GLY C 23 -25.29 -3.35 -11.70
N ILE C 24 -24.51 -4.37 -11.35
CA ILE C 24 -23.09 -4.19 -11.05
C ILE C 24 -22.27 -4.58 -12.28
N ARG C 25 -21.65 -3.59 -12.93
CA ARG C 25 -20.89 -3.84 -14.13
C ARG C 25 -19.48 -4.23 -13.73
N LEU C 26 -19.08 -5.44 -14.04
CA LEU C 26 -17.72 -5.90 -13.74
C LEU C 26 -16.77 -5.39 -14.82
N ARG C 27 -15.59 -4.91 -14.42
CA ARG C 27 -14.57 -4.51 -15.37
C ARG C 27 -13.21 -5.07 -14.99
N ALA C 28 -12.20 -4.74 -15.80
CA ALA C 28 -10.84 -5.24 -15.56
C ALA C 28 -10.34 -4.95 -14.20
N GLU C 29 -10.67 -3.75 -13.67
CA GLU C 29 -10.19 -3.30 -12.36
CA GLU C 29 -10.19 -3.29 -12.38
C GLU C 29 -10.80 -4.04 -11.21
N ASP C 30 -11.81 -4.92 -11.46
CA ASP C 30 -12.36 -5.70 -10.45
C ASP C 30 -11.61 -7.05 -10.24
N ALA C 31 -10.69 -7.34 -11.11
CA ALA C 31 -9.89 -8.57 -10.94
C ALA C 31 -8.89 -8.44 -9.86
N TYR C 32 -8.37 -9.59 -9.39
CA TYR C 32 -7.57 -9.63 -8.20
C TYR C 32 -6.41 -8.58 -8.10
N PRO C 33 -5.56 -8.48 -9.13
CA PRO C 33 -4.35 -7.58 -8.90
C PRO C 33 -4.76 -6.14 -8.61
N PHE C 34 -5.77 -5.68 -9.34
CA PHE C 34 -6.28 -4.32 -9.10
C PHE C 34 -6.89 -4.22 -7.74
N PHE C 35 -7.67 -5.19 -7.34
CA PHE C 35 -8.30 -5.25 -6.00
C PHE C 35 -7.25 -5.23 -4.89
N LEU C 36 -6.21 -6.00 -5.09
CA LEU C 36 -5.09 -6.06 -4.15
C LEU C 36 -4.43 -4.66 -4.01
N ALA C 37 -4.10 -4.01 -5.14
CA ALA C 37 -3.48 -2.70 -5.08
C ALA C 37 -4.43 -1.67 -4.46
N TYR C 38 -5.73 -1.80 -4.78
CA TYR C 38 -6.76 -0.87 -4.23
C TYR C 38 -6.83 -0.97 -2.75
N LEU C 39 -6.84 -2.17 -2.20
CA LEU C 39 -6.88 -2.35 -0.76
C LEU C 39 -5.61 -1.87 -0.08
N GLN C 40 -4.46 -2.04 -0.75
CA GLN C 40 -3.20 -1.55 -0.18
CA GLN C 40 -3.19 -1.51 -0.18
C GLN C 40 -3.20 0.00 -0.09
N ARG C 41 -3.80 0.62 -1.10
CA ARG C 41 -3.86 2.08 -1.15
C ARG C 41 -4.90 2.65 -0.19
N ASN C 42 -5.99 1.92 -0.01
CA ASN C 42 -7.15 2.36 0.75
C ASN C 42 -7.49 1.39 1.90
N PRO C 43 -6.52 1.08 2.77
CA PRO C 43 -6.80 0.03 3.75
C PRO C 43 -7.89 0.41 4.73
N GLY C 44 -8.79 -0.54 4.95
CA GLY C 44 -9.86 -0.33 5.88
C GLY C 44 -11.00 0.55 5.38
N LEU C 45 -11.00 1.01 4.16
CA LEU C 45 -12.03 1.90 3.68
C LEU C 45 -13.19 1.15 3.01
N SER C 46 -12.90 0.01 2.45
CA SER C 46 -13.95 -0.82 1.93
C SER C 46 -14.46 -1.75 3.00
N LEU C 47 -15.79 -1.98 2.99
CA LEU C 47 -16.45 -2.75 4.01
C LEU C 47 -17.31 -3.88 3.47
N LEU C 48 -17.50 -4.91 4.27
CA LEU C 48 -18.48 -5.95 3.97
C LEU C 48 -19.25 -6.33 5.19
N VAL C 49 -20.39 -6.96 4.98
CA VAL C 49 -21.20 -7.55 6.08
C VAL C 49 -21.29 -9.06 5.81
N GLU C 50 -21.02 -9.84 6.84
CA GLU C 50 -21.11 -11.30 6.73
C GLU C 50 -22.03 -11.85 7.82
N THR C 51 -22.71 -12.94 7.49
CA THR C 51 -23.48 -13.67 8.47
C THR C 51 -23.37 -15.15 8.12
N GLU C 52 -23.12 -15.97 9.13
CA GLU C 52 -23.02 -17.43 8.99
C GLU C 52 -21.93 -17.80 7.96
N GLY C 53 -20.83 -17.05 7.98
CA GLY C 53 -19.72 -17.23 7.02
C GLY C 53 -19.97 -16.85 5.57
N GLU C 54 -21.08 -16.18 5.27
CA GLU C 54 -21.39 -15.75 3.91
C GLU C 54 -21.39 -14.23 3.83
N VAL C 55 -20.83 -13.70 2.76
CA VAL C 55 -20.87 -12.26 2.55
C VAL C 55 -22.20 -11.87 1.93
N ILE C 56 -22.90 -10.96 2.62
CA ILE C 56 -24.22 -10.52 2.22
C ILE C 56 -24.32 -9.07 1.78
N ALA C 57 -23.25 -8.28 1.96
CA ALA C 57 -23.30 -6.90 1.55
C ALA C 57 -21.85 -6.38 1.45
N CYS C 58 -21.68 -5.37 0.65
CA CYS C 58 -20.36 -4.73 0.51
C CYS C 58 -20.47 -3.29 0.06
N LEU C 59 -19.35 -2.56 0.25
CA LEU C 59 -19.20 -1.21 -0.28
C LEU C 59 -17.70 -0.97 -0.43
N MET C 60 -17.27 -0.77 -1.67
CA MET C 60 -15.86 -0.48 -1.92
C MET C 60 -15.69 1.02 -1.87
N ALA C 61 -14.59 1.45 -1.27
CA ALA C 61 -14.34 2.87 -1.18
C ALA C 61 -12.87 3.16 -1.07
N GLY C 62 -12.54 4.36 -1.48
CA GLY C 62 -11.14 4.80 -1.54
C GLY C 62 -11.11 6.29 -1.75
N HIS C 63 -9.90 6.81 -1.86
CA HIS C 63 -9.74 8.23 -2.09
C HIS C 63 -8.41 8.53 -2.80
N ASP C 64 -8.36 9.72 -3.43
CA ASP C 64 -7.14 10.24 -4.09
C ASP C 64 -6.38 11.30 -3.33
N GLY C 65 -6.73 11.52 -2.08
CA GLY C 65 -6.11 12.54 -1.24
C GLY C 65 -6.86 13.86 -1.30
N ARG C 66 -7.92 13.92 -2.10
CA ARG C 66 -8.74 15.16 -2.23
C ARG C 66 -10.24 14.81 -2.06
N ARG C 67 -10.69 13.78 -2.75
CA ARG C 67 -12.07 13.33 -2.71
C ARG C 67 -12.17 11.82 -2.49
N GLY C 68 -13.28 11.41 -1.92
CA GLY C 68 -13.65 9.99 -1.80
C GLY C 68 -14.50 9.53 -2.98
N TYR C 69 -14.30 8.26 -3.37
CA TYR C 69 -15.05 7.67 -4.49
C TYR C 69 -15.54 6.32 -4.02
N LEU C 70 -16.84 6.05 -4.13
CA LEU C 70 -17.43 4.82 -3.66
C LEU C 70 -17.98 4.03 -4.82
N GLN C 71 -17.87 2.70 -4.76
CA GLN C 71 -18.48 1.90 -5.82
CA GLN C 71 -18.24 1.82 -5.85
C GLN C 71 -18.81 0.50 -5.33
N HIS C 72 -19.56 -0.22 -6.16
CA HIS C 72 -19.96 -1.60 -5.87
C HIS C 72 -20.72 -1.77 -4.54
N LEU C 73 -21.65 -0.85 -4.30
CA LEU C 73 -22.55 -0.95 -3.18
C LEU C 73 -23.55 -2.07 -3.48
N VAL C 74 -23.55 -3.13 -2.67
CA VAL C 74 -24.46 -4.26 -2.85
C VAL C 74 -25.01 -4.76 -1.52
N VAL C 75 -26.31 -5.06 -1.49
CA VAL C 75 -26.89 -5.86 -0.45
C VAL C 75 -27.60 -7.02 -1.16
N ASP C 76 -27.30 -8.23 -0.69
CA ASP C 76 -27.99 -9.46 -1.20
C ASP C 76 -29.48 -9.32 -1.05
N PRO C 77 -30.26 -9.73 -2.07
CA PRO C 77 -31.72 -9.53 -2.04
C PRO C 77 -32.45 -10.02 -0.80
N GLY C 78 -31.94 -11.09 -0.19
CA GLY C 78 -32.53 -11.63 1.03
C GLY C 78 -32.42 -10.76 2.26
N TYR C 79 -31.58 -9.74 2.20
CA TYR C 79 -31.23 -8.89 3.33
C TYR C 79 -31.49 -7.44 3.05
N ARG C 80 -32.25 -7.14 2.00
CA ARG C 80 -32.56 -5.75 1.69
C ARG C 80 -33.64 -5.18 2.61
N GLY C 81 -33.60 -3.85 2.70
CA GLY C 81 -34.54 -3.10 3.52
C GLY C 81 -34.29 -3.19 5.01
N LEU C 82 -33.07 -3.54 5.40
CA LEU C 82 -32.67 -3.67 6.81
C LEU C 82 -31.66 -2.60 7.21
N GLY C 83 -31.33 -1.67 6.30
CA GLY C 83 -30.43 -0.58 6.60
C GLY C 83 -28.98 -0.94 6.43
N LEU C 84 -28.67 -2.07 5.76
CA LEU C 84 -27.26 -2.46 5.62
C LEU C 84 -26.46 -1.55 4.72
N ALA C 85 -27.08 -1.02 3.67
CA ALA C 85 -26.36 -0.08 2.81
C ALA C 85 -26.07 1.19 3.56
N ARG C 86 -27.09 1.71 4.24
CA ARG C 86 -26.90 2.92 5.06
C ARG C 86 -25.82 2.72 6.13
N ARG C 87 -25.81 1.54 6.74
CA ARG C 87 -24.81 1.25 7.78
C ARG C 87 -23.39 1.33 7.23
N MET C 88 -23.20 0.69 6.06
CA MET C 88 -21.90 0.72 5.41
C MET C 88 -21.51 2.13 4.98
N LEU C 89 -22.47 2.84 4.40
CA LEU C 89 -22.21 4.19 3.98
CA LEU C 89 -22.25 4.21 3.95
C LEU C 89 -21.78 5.11 5.10
N ASP C 90 -22.48 5.04 6.24
CA ASP C 90 -22.11 5.88 7.37
C ASP C 90 -20.69 5.62 7.82
N GLU C 91 -20.33 4.34 7.88
CA GLU C 91 -19.04 3.95 8.39
C GLU C 91 -17.93 4.35 7.42
N VAL C 92 -18.15 4.13 6.12
CA VAL C 92 -17.17 4.57 5.12
C VAL C 92 -16.94 6.08 5.16
N LEU C 93 -18.03 6.84 5.26
CA LEU C 93 -17.91 8.32 5.30
C LEU C 93 -17.14 8.75 6.54
N ALA C 94 -17.37 8.10 7.67
CA ALA C 94 -16.64 8.41 8.87
C ALA C 94 -15.15 8.13 8.76
N ARG C 95 -14.79 6.97 8.18
CA ARG C 95 -13.40 6.63 7.99
C ARG C 95 -12.74 7.57 7.00
N LEU C 96 -13.45 7.95 5.96
CA LEU C 96 -12.91 8.98 5.03
C LEU C 96 -12.68 10.30 5.72
N ALA C 97 -13.58 10.71 6.61
CA ALA C 97 -13.44 11.99 7.29
C ALA C 97 -12.22 12.01 8.19
N ARG C 98 -11.92 10.88 8.83
CA ARG C 98 -10.72 10.75 9.64
C ARG C 98 -9.45 11.00 8.78
N GLU C 99 -9.49 10.55 7.55
CA GLU C 99 -8.35 10.71 6.63
C GLU C 99 -8.30 12.07 5.96
N GLY C 100 -9.18 12.99 6.35
CA GLY C 100 -9.25 14.34 5.80
C GLY C 100 -10.07 14.50 4.54
N ILE C 101 -10.94 13.52 4.23
CA ILE C 101 -11.70 13.52 3.01
C ILE C 101 -13.14 13.85 3.42
N GLY C 102 -13.53 15.06 3.08
CA GLY C 102 -14.81 15.63 3.49
C GLY C 102 -15.89 15.59 2.44
N LYS C 103 -15.54 15.33 1.20
CA LYS C 103 -16.50 15.25 0.12
C LYS C 103 -16.19 14.01 -0.72
N SER C 104 -17.25 13.28 -1.05
CA SER C 104 -17.15 12.06 -1.80
C SER C 104 -18.14 12.06 -2.95
N HIS C 105 -17.85 11.22 -3.94
CA HIS C 105 -18.60 11.13 -5.17
C HIS C 105 -18.93 9.69 -5.49
N VAL C 106 -20.07 9.50 -6.18
CA VAL C 106 -20.39 8.22 -6.84
C VAL C 106 -20.83 8.52 -8.27
N PHE C 107 -20.47 7.62 -9.17
CA PHE C 107 -20.88 7.66 -10.56
CA PHE C 107 -20.90 7.68 -10.56
C PHE C 107 -21.95 6.59 -10.73
N VAL C 108 -23.09 6.95 -11.35
CA VAL C 108 -24.17 6.00 -11.56
C VAL C 108 -24.66 6.09 -12.99
N LEU C 109 -24.66 4.97 -13.68
CA LEU C 109 -25.13 4.94 -15.06
C LEU C 109 -26.59 5.38 -15.15
N ASP C 110 -26.91 6.18 -16.17
CA ASP C 110 -28.29 6.64 -16.41
C ASP C 110 -29.23 5.45 -16.56
N ALA C 111 -28.74 4.38 -17.18
CA ALA C 111 -29.53 3.17 -17.43
C ALA C 111 -29.82 2.33 -16.17
N ALA C 112 -29.06 2.54 -15.11
CA ALA C 112 -29.22 1.82 -13.84
C ALA C 112 -30.35 2.42 -12.99
N GLU C 113 -31.58 2.12 -13.37
CA GLU C 113 -32.79 2.73 -12.81
C GLU C 113 -32.87 2.56 -11.26
N GLU C 114 -32.59 1.36 -10.78
CA GLU C 114 -32.72 1.03 -9.35
C GLU C 114 -31.64 1.76 -8.58
N ALA C 115 -30.41 1.78 -9.10
CA ALA C 115 -29.33 2.50 -8.42
C ALA C 115 -29.62 3.99 -8.36
N GLN C 116 -30.12 4.56 -9.45
CA GLN C 116 -30.47 5.98 -9.44
C GLN C 116 -31.50 6.29 -8.34
N ALA C 117 -32.52 5.44 -8.27
CA ALA C 117 -33.56 5.61 -7.27
C ALA C 117 -32.99 5.59 -5.85
N PHE C 118 -32.08 4.65 -5.59
CA PHE C 118 -31.42 4.57 -4.30
C PHE C 118 -30.69 5.88 -3.95
N TRP C 119 -29.87 6.37 -4.86
CA TRP C 119 -29.05 7.55 -4.59
C TRP C 119 -29.87 8.84 -4.48
N ARG C 120 -30.93 8.97 -5.29
CA ARG C 120 -31.84 10.10 -5.16
C ARG C 120 -32.50 10.18 -3.79
N ALA C 121 -32.68 9.03 -3.15
CA ALA C 121 -33.33 8.94 -1.84
C ALA C 121 -32.42 9.21 -0.64
N GLN C 122 -31.12 9.36 -0.85
CA GLN C 122 -30.21 9.62 0.26
C GLN C 122 -30.09 11.12 0.47
N SER C 123 -30.57 11.60 1.61
CA SER C 123 -30.65 13.04 1.85
C SER C 123 -29.29 13.70 2.10
N ASP C 124 -28.25 12.91 2.44
CA ASP C 124 -26.89 13.42 2.61
C ASP C 124 -26.10 13.50 1.31
N TRP C 125 -26.73 13.13 0.20
CA TRP C 125 -26.12 13.20 -1.13
C TRP C 125 -26.98 14.06 -2.01
N GLU C 126 -26.37 14.61 -3.06
CA GLU C 126 -27.12 15.39 -4.05
C GLU C 126 -26.66 15.08 -5.44
N ARG C 127 -27.61 14.95 -6.33
CA ARG C 127 -27.34 14.73 -7.74
C ARG C 127 -26.77 16.01 -8.32
N ARG C 128 -25.64 15.91 -8.99
CA ARG C 128 -24.93 17.07 -9.46
C ARG C 128 -25.47 17.51 -10.82
N LYS C 129 -25.92 18.76 -10.87
CA LYS C 129 -26.48 19.35 -12.08
C LYS C 129 -25.64 20.57 -12.50
N ASP C 130 -24.45 20.69 -11.91
CA ASP C 130 -23.57 21.84 -12.08
C ASP C 130 -22.26 21.50 -12.75
N ILE C 131 -22.03 20.20 -13.06
CA ILE C 131 -20.75 19.71 -13.57
C ILE C 131 -20.94 18.73 -14.73
N GLN C 132 -19.90 18.67 -15.57
CA GLN C 132 -19.78 17.67 -16.61
C GLN C 132 -18.59 16.82 -16.22
N VAL C 133 -18.65 15.55 -16.58
CA VAL C 133 -17.53 14.66 -16.42
C VAL C 133 -16.98 14.39 -17.80
N PHE C 134 -15.68 14.53 -17.96
CA PHE C 134 -14.99 14.04 -19.14
C PHE C 134 -14.10 12.89 -18.69
N SER C 135 -14.06 11.84 -19.50
CA SER C 135 -13.25 10.65 -19.20
C SER C 135 -12.37 10.30 -20.38
N THR C 136 -11.26 9.64 -20.09
CA THR C 136 -10.41 9.16 -21.16
C THR C 136 -11.15 8.06 -21.93
N ARG C 137 -10.90 8.02 -23.24
CA ARG C 137 -11.60 7.11 -24.15
C ARG C 137 -11.14 5.66 -24.04
N MET D 1 11.81 26.62 -20.48
CA MET D 1 10.51 25.99 -20.10
C MET D 1 10.59 24.56 -19.56
N GLN D 2 10.78 24.48 -18.26
CA GLN D 2 11.09 23.23 -17.60
C GLN D 2 9.80 22.66 -17.04
N LEU D 3 9.51 21.42 -17.44
CA LEU D 3 8.41 20.63 -16.90
C LEU D 3 8.97 19.76 -15.79
N ARG D 4 8.33 19.77 -14.63
CA ARG D 4 8.78 18.93 -13.53
C ARG D 4 7.65 18.59 -12.57
N SER D 5 7.94 17.65 -11.69
CA SER D 5 7.02 17.24 -10.63
C SER D 5 6.81 18.34 -9.61
N VAL D 6 5.57 18.54 -9.24
CA VAL D 6 5.21 19.42 -8.13
C VAL D 6 5.66 18.77 -6.82
N ILE D 7 6.26 19.56 -5.94
CA ILE D 7 6.65 19.15 -4.59
C ILE D 7 6.06 20.11 -3.57
N ALA D 8 6.09 19.72 -2.30
CA ALA D 8 5.39 20.48 -1.25
C ALA D 8 5.81 21.97 -1.18
N ALA D 9 7.08 22.26 -1.41
CA ALA D 9 7.59 23.62 -1.41
C ALA D 9 7.03 24.51 -2.51
N ASP D 10 6.38 23.93 -3.52
CA ASP D 10 5.73 24.69 -4.58
C ASP D 10 4.39 25.31 -4.15
N HIS D 11 3.91 25.07 -2.94
CA HIS D 11 2.55 25.49 -2.60
C HIS D 11 2.30 26.99 -2.75
N PRO D 12 3.18 27.82 -2.21
CA PRO D 12 2.93 29.27 -2.36
C PRO D 12 2.81 29.74 -3.82
N ALA D 13 3.70 29.29 -4.70
CA ALA D 13 3.65 29.66 -6.11
C ALA D 13 2.39 29.15 -6.81
N LEU D 14 2.01 27.90 -6.52
CA LEU D 14 0.84 27.37 -7.15
C LEU D 14 -0.42 28.02 -6.63
N PHE D 15 -0.52 28.24 -5.32
CA PHE D 15 -1.72 28.79 -4.73
C PHE D 15 -1.93 30.19 -5.31
N ALA D 16 -0.83 30.92 -5.48
CA ALA D 16 -0.87 32.21 -6.14
C ALA D 16 -1.37 32.12 -7.58
N LEU D 17 -0.83 31.16 -8.34
CA LEU D 17 -1.30 30.93 -9.71
C LEU D 17 -2.79 30.64 -9.76
N TRP D 18 -3.25 29.73 -8.90
CA TRP D 18 -4.68 29.39 -8.85
C TRP D 18 -5.53 30.61 -8.52
N SER D 19 -5.05 31.40 -7.55
CA SER D 19 -5.77 32.60 -7.11
C SER D 19 -5.93 33.64 -8.17
N ARG D 20 -4.97 33.76 -9.08
CA ARG D 20 -5.05 34.78 -10.13
C ARG D 20 -5.66 34.28 -11.45
N THR D 21 -6.16 33.03 -11.48
CA THR D 21 -6.68 32.44 -12.72
C THR D 21 -8.20 32.39 -12.66
N PRO D 22 -8.88 33.25 -13.45
CA PRO D 22 -10.33 33.13 -13.51
C PRO D 22 -10.75 31.74 -13.97
N GLY D 23 -11.78 31.20 -13.34
CA GLY D 23 -12.25 29.86 -13.62
C GLY D 23 -11.76 28.80 -12.66
N ILE D 24 -10.79 29.12 -11.82
CA ILE D 24 -10.30 28.19 -10.81
C ILE D 24 -10.96 28.57 -9.48
N ARG D 25 -11.81 27.69 -8.95
CA ARG D 25 -12.44 27.91 -7.65
C ARG D 25 -11.52 27.36 -6.55
N LEU D 26 -11.07 28.24 -5.65
CA LEU D 26 -10.25 27.84 -4.48
C LEU D 26 -11.17 27.30 -3.38
N ARG D 27 -10.74 26.21 -2.73
CA ARG D 27 -11.48 25.64 -1.62
C ARG D 27 -10.53 25.21 -0.50
N ALA D 28 -11.09 24.65 0.58
CA ALA D 28 -10.31 24.24 1.76
C ALA D 28 -9.19 23.30 1.41
N GLU D 29 -9.46 22.38 0.48
CA GLU D 29 -8.50 21.34 0.07
C GLU D 29 -7.33 21.89 -0.70
N ASP D 30 -7.37 23.17 -1.07
CA ASP D 30 -6.25 23.82 -1.74
C ASP D 30 -5.23 24.41 -0.76
N ALA D 31 -5.55 24.42 0.53
CA ALA D 31 -4.59 24.87 1.54
C ALA D 31 -3.47 23.85 1.78
N TYR D 32 -2.40 24.32 2.42
CA TYR D 32 -1.18 23.53 2.50
C TYR D 32 -1.28 22.10 3.05
N PRO D 33 -1.93 21.89 4.20
CA PRO D 33 -1.98 20.49 4.70
C PRO D 33 -2.60 19.48 3.71
N PHE D 34 -3.67 19.89 3.03
CA PHE D 34 -4.31 19.01 2.05
C PHE D 34 -3.41 18.79 0.84
N PHE D 35 -2.76 19.86 0.40
CA PHE D 35 -1.78 19.79 -0.69
C PHE D 35 -0.62 18.84 -0.33
N LEU D 36 -0.12 18.98 0.88
CA LEU D 36 0.94 18.09 1.37
C LEU D 36 0.49 16.60 1.33
N ALA D 37 -0.69 16.31 1.89
CA ALA D 37 -1.16 14.94 1.94
C ALA D 37 -1.41 14.42 0.53
N TYR D 38 -1.93 15.30 -0.35
CA TYR D 38 -2.19 14.95 -1.74
C TYR D 38 -0.91 14.54 -2.47
N LEU D 39 0.16 15.33 -2.29
CA LEU D 39 1.41 15.02 -2.92
C LEU D 39 2.08 13.76 -2.34
N GLN D 40 1.95 13.53 -1.06
CA GLN D 40 2.44 12.29 -0.46
CA GLN D 40 2.45 12.31 -0.45
C GLN D 40 1.75 11.07 -1.02
N ARG D 41 0.46 11.20 -1.28
CA ARG D 41 -0.34 10.08 -1.78
C ARG D 41 -0.09 9.83 -3.25
N ASN D 42 0.19 10.90 -3.98
CA ASN D 42 0.30 10.90 -5.43
C ASN D 42 1.66 11.44 -5.93
N PRO D 43 2.76 10.90 -5.44
CA PRO D 43 4.03 11.61 -5.70
C PRO D 43 4.38 11.56 -7.17
N GLY D 44 4.83 12.69 -7.69
CA GLY D 44 5.23 12.77 -9.06
C GLY D 44 4.09 12.81 -10.06
N LEU D 45 2.83 12.80 -9.63
CA LEU D 45 1.72 12.78 -10.59
C LEU D 45 1.23 14.17 -10.94
N SER D 46 1.45 15.14 -10.08
CA SER D 46 1.17 16.52 -10.44
C SER D 46 2.40 17.17 -11.06
N LEU D 47 2.16 18.02 -12.07
CA LEU D 47 3.23 18.65 -12.84
C LEU D 47 3.09 20.16 -12.89
N LEU D 48 4.21 20.84 -13.04
CA LEU D 48 4.19 22.27 -13.33
C LEU D 48 5.21 22.58 -14.39
N VAL D 49 5.05 23.76 -14.99
CA VAL D 49 6.03 24.29 -15.93
C VAL D 49 6.52 25.61 -15.35
N GLU D 50 7.84 25.79 -15.33
CA GLU D 50 8.44 27.04 -14.86
C GLU D 50 9.40 27.59 -15.91
N THR D 51 9.49 28.91 -15.93
CA THR D 51 10.44 29.61 -16.78
C THR D 51 10.90 30.85 -16.03
N GLU D 52 12.22 31.07 -16.00
CA GLU D 52 12.82 32.24 -15.35
C GLU D 52 12.42 32.31 -13.87
N GLY D 53 12.36 31.14 -13.23
CA GLY D 53 11.94 31.04 -11.83
C GLY D 53 10.48 31.30 -11.50
N GLU D 54 9.61 31.44 -12.52
CA GLU D 54 8.17 31.66 -12.30
C GLU D 54 7.35 30.48 -12.84
N VAL D 55 6.35 30.10 -12.06
CA VAL D 55 5.48 28.98 -12.45
C VAL D 55 4.42 29.52 -13.40
N ILE D 56 4.37 28.95 -14.60
CA ILE D 56 3.48 29.43 -15.67
C ILE D 56 2.39 28.43 -16.06
N ALA D 57 2.43 27.21 -15.52
CA ALA D 57 1.41 26.23 -15.83
C ALA D 57 1.46 25.12 -14.80
N CYS D 58 0.32 24.48 -14.60
CA CYS D 58 0.24 23.32 -13.70
C CYS D 58 -0.87 22.38 -14.06
N LEU D 59 -0.76 21.16 -13.53
CA LEU D 59 -1.81 20.18 -13.65
C LEU D 59 -1.67 19.27 -12.43
N MET D 60 -2.68 19.30 -11.58
CA MET D 60 -2.68 18.48 -10.40
C MET D 60 -3.34 17.15 -10.78
N ALA D 61 -2.78 16.05 -10.30
CA ALA D 61 -3.35 14.76 -10.63
C ALA D 61 -3.07 13.76 -9.54
N GLY D 62 -3.95 12.77 -9.47
CA GLY D 62 -3.85 11.73 -8.47
C GLY D 62 -4.79 10.61 -8.80
N HIS D 63 -4.77 9.59 -7.96
CA HIS D 63 -5.66 8.43 -8.20
C HIS D 63 -6.03 7.77 -6.89
N ASP D 64 -7.11 6.98 -6.96
CA ASP D 64 -7.57 6.18 -5.82
C ASP D 64 -7.30 4.68 -5.91
N GLY D 65 -6.44 4.29 -6.84
CA GLY D 65 -6.17 2.88 -7.07
C GLY D 65 -7.13 2.30 -8.09
N ARG D 66 -8.10 3.00 -8.57
CA ARG D 66 -9.03 2.53 -9.60
C ARG D 66 -9.11 3.48 -10.82
N ARG D 67 -9.26 4.77 -10.54
CA ARG D 67 -9.33 5.80 -11.58
C ARG D 67 -8.41 6.95 -11.25
N GLY D 68 -7.99 7.66 -12.29
CA GLY D 68 -7.27 8.92 -12.16
C GLY D 68 -8.24 10.06 -12.13
N TYR D 69 -7.86 11.10 -11.39
CA TYR D 69 -8.67 12.33 -11.33
C TYR D 69 -7.72 13.50 -11.46
N LEU D 70 -8.01 14.37 -12.43
CA LEU D 70 -7.16 15.50 -12.72
C LEU D 70 -7.88 16.75 -12.23
N GLN D 71 -7.12 17.69 -11.66
CA GLN D 71 -7.65 18.96 -11.13
C GLN D 71 -6.77 20.16 -11.45
N HIS D 72 -7.33 21.39 -11.49
CA HIS D 72 -6.50 22.61 -11.53
C HIS D 72 -5.51 22.66 -12.71
N LEU D 73 -6.00 22.36 -13.90
CA LEU D 73 -5.24 22.55 -15.11
C LEU D 73 -5.21 24.05 -15.38
N VAL D 74 -4.01 24.62 -15.41
CA VAL D 74 -3.83 26.05 -15.66
C VAL D 74 -2.62 26.31 -16.55
N VAL D 75 -2.80 27.19 -17.52
CA VAL D 75 -1.69 27.80 -18.24
C VAL D 75 -1.90 29.31 -18.12
N ASP D 76 -0.86 30.00 -17.65
CA ASP D 76 -0.86 31.47 -17.58
C ASP D 76 -1.21 32.05 -18.94
N PRO D 77 -2.07 33.10 -18.98
CA PRO D 77 -2.52 33.68 -20.25
C PRO D 77 -1.42 34.08 -21.25
N GLY D 78 -0.27 34.52 -20.75
CA GLY D 78 0.88 34.86 -21.60
C GLY D 78 1.54 33.71 -22.33
N TYR D 79 1.21 32.47 -21.94
CA TYR D 79 1.83 31.28 -22.49
C TYR D 79 0.83 30.33 -23.10
N ARG D 80 -0.38 30.80 -23.39
CA ARG D 80 -1.38 29.93 -23.99
C ARG D 80 -1.20 29.72 -25.47
N GLY D 81 -1.76 28.63 -25.95
CA GLY D 81 -1.66 28.25 -27.36
C GLY D 81 -0.30 27.74 -27.77
N LEU D 82 0.50 27.28 -26.82
CA LEU D 82 1.84 26.72 -27.06
C LEU D 82 1.91 25.22 -26.80
N GLY D 83 0.78 24.60 -26.44
CA GLY D 83 0.75 23.17 -26.22
C GLY D 83 1.14 22.76 -24.80
N LEU D 84 1.22 23.72 -23.87
CA LEU D 84 1.66 23.39 -22.50
C LEU D 84 0.67 22.51 -21.75
N ALA D 85 -0.63 22.74 -21.94
CA ALA D 85 -1.62 21.89 -21.28
C ALA D 85 -1.54 20.47 -21.84
N ARG D 86 -1.46 20.34 -23.16
CA ARG D 86 -1.30 19.02 -23.79
C ARG D 86 -0.03 18.31 -23.34
N ARG D 87 1.07 19.06 -23.21
CA ARG D 87 2.34 18.48 -22.75
C ARG D 87 2.19 17.87 -21.35
N MET D 88 1.57 18.64 -20.46
CA MET D 88 1.35 18.16 -19.08
C MET D 88 0.39 16.98 -19.06
N LEU D 89 -0.66 17.06 -19.85
CA LEU D 89 -1.61 15.97 -19.88
C LEU D 89 -1.02 14.65 -20.35
N ASP D 90 -0.23 14.70 -21.44
CA ASP D 90 0.41 13.49 -21.96
C ASP D 90 1.31 12.81 -20.91
N GLU D 91 2.06 13.64 -20.17
CA GLU D 91 2.99 13.14 -19.18
C GLU D 91 2.25 12.58 -17.95
N VAL D 92 1.23 13.29 -17.45
CA VAL D 92 0.42 12.78 -16.36
C VAL D 92 -0.20 11.43 -16.71
N LEU D 93 -0.77 11.34 -17.91
CA LEU D 93 -1.47 10.09 -18.29
C LEU D 93 -0.48 8.94 -18.39
N ALA D 94 0.73 9.21 -18.84
CA ALA D 94 1.78 8.18 -18.89
C ALA D 94 2.20 7.69 -17.50
N ARG D 95 2.35 8.64 -16.57
CA ARG D 95 2.71 8.27 -15.19
C ARG D 95 1.57 7.50 -14.52
N LEU D 96 0.34 7.93 -14.75
CA LEU D 96 -0.82 7.15 -14.25
C LEU D 96 -0.83 5.71 -14.81
N ALA D 97 -0.51 5.57 -16.08
CA ALA D 97 -0.57 4.23 -16.72
C ALA D 97 0.45 3.30 -16.06
N ARG D 98 1.61 3.83 -15.70
CA ARG D 98 2.62 3.05 -15.00
C ARG D 98 2.06 2.50 -13.70
N GLU D 99 1.23 3.27 -13.02
CA GLU D 99 0.66 2.89 -11.74
C GLU D 99 -0.57 2.02 -11.89
N GLY D 100 -0.93 1.62 -13.11
CA GLY D 100 -2.07 0.77 -13.40
C GLY D 100 -3.36 1.47 -13.66
N ILE D 101 -3.32 2.77 -13.89
CA ILE D 101 -4.54 3.57 -13.97
C ILE D 101 -4.69 3.85 -15.42
N GLY D 102 -5.67 3.19 -16.01
CA GLY D 102 -5.93 3.28 -17.43
C GLY D 102 -7.08 4.20 -17.82
N LYS D 103 -7.90 4.65 -16.84
CA LYS D 103 -9.03 5.54 -17.12
C LYS D 103 -9.05 6.65 -16.10
N SER D 104 -9.18 7.87 -16.62
CA SER D 104 -9.13 9.05 -15.79
C SER D 104 -10.30 9.94 -16.10
N HIS D 105 -10.64 10.74 -15.11
CA HIS D 105 -11.81 11.60 -15.17
C HIS D 105 -11.42 13.02 -14.81
N VAL D 106 -12.17 13.96 -15.39
CA VAL D 106 -12.21 15.35 -14.90
C VAL D 106 -13.65 15.78 -14.70
N PHE D 107 -13.86 16.55 -13.62
CA PHE D 107 -15.16 17.17 -13.34
CA PHE D 107 -15.15 17.17 -13.34
C PHE D 107 -15.02 18.63 -13.70
N VAL D 108 -15.98 19.15 -14.44
CA VAL D 108 -15.87 20.57 -14.81
C VAL D 108 -17.22 21.24 -14.67
N LEU D 109 -17.23 22.34 -13.93
CA LEU D 109 -18.47 23.09 -13.68
C LEU D 109 -19.13 23.52 -14.99
N ASP D 110 -20.47 23.41 -15.06
CA ASP D 110 -21.24 23.81 -16.25
C ASP D 110 -21.00 25.30 -16.55
N ALA D 111 -20.85 26.09 -15.49
CA ALA D 111 -20.62 27.54 -15.62
C ALA D 111 -19.22 27.94 -16.12
N ALA D 112 -18.25 27.02 -16.01
CA ALA D 112 -16.87 27.23 -16.50
C ALA D 112 -16.78 27.05 -18.02
N GLU D 113 -17.23 28.07 -18.74
CA GLU D 113 -17.38 27.96 -20.19
C GLU D 113 -16.05 27.64 -20.90
N GLU D 114 -14.96 28.25 -20.44
CA GLU D 114 -13.66 28.13 -21.07
C GLU D 114 -13.08 26.76 -20.83
N ALA D 115 -13.22 26.28 -19.61
CA ALA D 115 -12.78 24.93 -19.30
C ALA D 115 -13.56 23.86 -20.06
N GLN D 116 -14.88 24.03 -20.16
CA GLN D 116 -15.68 23.13 -21.00
C GLN D 116 -15.17 23.10 -22.44
N ALA D 117 -14.91 24.28 -23.01
CA ALA D 117 -14.44 24.36 -24.38
C ALA D 117 -13.11 23.62 -24.56
N PHE D 118 -12.20 23.79 -23.60
CA PHE D 118 -10.92 23.10 -23.63
C PHE D 118 -11.14 21.58 -23.69
N TRP D 119 -11.93 21.05 -22.76
CA TRP D 119 -12.10 19.62 -22.65
C TRP D 119 -12.85 19.01 -23.84
N ARG D 120 -13.86 19.74 -24.35
CA ARG D 120 -14.60 19.30 -25.55
C ARG D 120 -13.66 19.15 -26.78
N ALA D 121 -12.59 19.93 -26.81
CA ALA D 121 -11.62 19.89 -27.91
C ALA D 121 -10.54 18.78 -27.81
N GLN D 122 -10.46 18.06 -26.70
CA GLN D 122 -9.44 17.01 -26.57
C GLN D 122 -9.98 15.68 -27.09
N SER D 123 -9.40 15.19 -28.18
CA SER D 123 -9.94 14.01 -28.86
C SER D 123 -9.72 12.69 -28.09
N ASP D 124 -8.78 12.67 -27.14
CA ASP D 124 -8.56 11.51 -26.26
C ASP D 124 -9.48 11.47 -25.04
N TRP D 125 -10.36 12.46 -24.92
CA TRP D 125 -11.36 12.51 -23.85
C TRP D 125 -12.76 12.58 -24.44
N GLU D 126 -13.75 12.18 -23.65
CA GLU D 126 -15.15 12.29 -24.07
C GLU D 126 -16.02 12.77 -22.93
N ARG D 127 -16.95 13.66 -23.26
CA ARG D 127 -17.92 14.14 -22.30
C ARG D 127 -18.93 13.04 -22.02
N ARG D 128 -19.15 12.74 -20.75
CA ARG D 128 -19.97 11.61 -20.37
C ARG D 128 -21.43 11.98 -20.34
N LYS D 129 -22.22 11.28 -21.13
CA LYS D 129 -23.67 11.45 -21.17
C LYS D 129 -24.40 10.19 -20.79
N ASP D 130 -23.68 9.27 -20.16
CA ASP D 130 -24.18 7.96 -19.77
C ASP D 130 -24.24 7.77 -18.25
N ILE D 131 -23.81 8.77 -17.48
CA ILE D 131 -23.70 8.67 -16.02
C ILE D 131 -24.24 9.90 -15.32
N GLN D 132 -24.67 9.71 -14.08
CA GLN D 132 -24.96 10.80 -13.17
C GLN D 132 -23.90 10.76 -12.10
N VAL D 133 -23.55 11.93 -11.59
CA VAL D 133 -22.69 12.03 -10.41
C VAL D 133 -23.55 12.46 -9.22
N PHE D 134 -23.41 11.75 -8.11
CA PHE D 134 -23.97 12.19 -6.83
C PHE D 134 -22.80 12.50 -5.93
N SER D 135 -22.91 13.59 -5.19
CA SER D 135 -21.88 14.01 -4.26
C SER D 135 -22.43 14.22 -2.88
N THR D 136 -21.59 14.09 -1.87
CA THR D 136 -22.01 14.40 -0.51
C THR D 136 -22.25 15.93 -0.42
N ARG D 137 -23.22 16.30 0.40
CA ARG D 137 -23.68 17.69 0.55
C ARG D 137 -22.76 18.55 1.40
N MET E 1 6.59 -0.73 28.19
CA MET E 1 6.10 0.69 28.05
C MET E 1 7.06 1.66 27.39
N GLN E 2 6.95 1.71 26.07
CA GLN E 2 7.91 2.41 25.25
C GLN E 2 7.35 3.78 24.94
N LEU E 3 8.14 4.80 25.28
CA LEU E 3 7.87 6.18 24.94
C LEU E 3 8.61 6.51 23.65
N ARG E 4 7.93 7.11 22.67
CA ARG E 4 8.58 7.46 21.41
C ARG E 4 7.87 8.60 20.70
N SER E 5 8.55 9.14 19.69
CA SER E 5 7.99 10.19 18.86
C SER E 5 6.85 9.67 18.00
N VAL E 6 5.80 10.47 17.94
CA VAL E 6 4.67 10.21 17.06
C VAL E 6 5.13 10.48 15.63
N ILE E 7 4.72 9.59 14.72
CA ILE E 7 4.96 9.75 13.27
C ILE E 7 3.64 9.63 12.53
N ALA E 8 3.66 9.97 11.24
CA ALA E 8 2.41 10.05 10.47
C ALA E 8 1.59 8.75 10.47
N ALA E 9 2.26 7.59 10.44
CA ALA E 9 1.60 6.30 10.45
C ALA E 9 0.86 6.00 11.74
N ASP E 10 1.10 6.77 12.79
CA ASP E 10 0.35 6.63 14.02
C ASP E 10 -1.06 7.23 13.98
N HIS E 11 -1.46 7.91 12.92
CA HIS E 11 -2.72 8.65 12.95
C HIS E 11 -3.93 7.79 13.28
N PRO E 12 -4.07 6.60 12.65
CA PRO E 12 -5.26 5.84 12.98
C PRO E 12 -5.37 5.45 14.46
N ALA E 13 -4.27 5.02 15.07
CA ALA E 13 -4.25 4.61 16.48
C ALA E 13 -4.52 5.80 17.41
N LEU E 14 -3.93 6.96 17.08
CA LEU E 14 -4.13 8.15 17.90
C LEU E 14 -5.54 8.73 17.74
N PHE E 15 -6.05 8.78 16.52
CA PHE E 15 -7.41 9.27 16.28
C PHE E 15 -8.42 8.41 17.04
N ALA E 16 -8.20 7.09 17.01
CA ALA E 16 -9.03 6.17 17.76
C ALA E 16 -8.96 6.43 19.26
N LEU E 17 -7.76 6.62 19.78
CA LEU E 17 -7.58 6.92 21.20
C LEU E 17 -8.33 8.20 21.57
N TRP E 18 -8.17 9.25 20.76
CA TRP E 18 -8.83 10.54 21.02
C TRP E 18 -10.33 10.38 20.99
N SER E 19 -10.82 9.62 20.01
CA SER E 19 -12.25 9.36 19.87
C SER E 19 -12.87 8.65 21.04
N ARG E 20 -12.15 7.74 21.67
CA ARG E 20 -12.72 6.97 22.80
C ARG E 20 -12.47 7.61 24.19
N THR E 21 -11.89 8.80 24.23
CA THR E 21 -11.53 9.43 25.50
C THR E 21 -12.50 10.56 25.78
N PRO E 22 -13.42 10.36 26.77
CA PRO E 22 -14.24 11.50 27.17
C PRO E 22 -13.40 12.70 27.60
N GLY E 23 -13.83 13.88 27.19
CA GLY E 23 -13.09 15.11 27.45
C GLY E 23 -12.20 15.60 26.33
N ILE E 24 -11.98 14.78 25.30
CA ILE E 24 -11.20 15.19 24.15
C ILE E 24 -12.20 15.58 23.07
N ARG E 25 -12.24 16.86 22.68
CA ARG E 25 -13.07 17.32 21.59
C ARG E 25 -12.29 17.19 20.26
N LEU E 26 -12.82 16.37 19.36
CA LEU E 26 -12.23 16.22 18.03
C LEU E 26 -12.69 17.35 17.12
N ARG E 27 -11.77 17.87 16.31
CA ARG E 27 -12.09 18.90 15.33
C ARG E 27 -11.43 18.61 13.97
N ALA E 28 -11.67 19.48 13.00
CA ALA E 28 -11.17 19.30 11.64
C ALA E 28 -9.67 19.09 11.60
N GLU E 29 -8.97 19.82 12.46
CA GLU E 29 -7.47 19.79 12.51
C GLU E 29 -6.94 18.49 13.06
N ASP E 30 -7.80 17.60 13.56
CA ASP E 30 -7.37 16.28 13.99
C ASP E 30 -7.35 15.25 12.88
N ALA E 31 -7.88 15.61 11.70
CA ALA E 31 -7.86 14.66 10.54
C ALA E 31 -6.49 14.59 9.93
N TYR E 32 -6.29 13.54 9.14
CA TYR E 32 -4.93 13.22 8.68
C TYR E 32 -4.09 14.32 8.04
N PRO E 33 -4.62 15.09 7.08
CA PRO E 33 -3.74 16.07 6.44
C PRO E 33 -3.19 17.10 7.41
N PHE E 34 -4.02 17.55 8.34
CA PHE E 34 -3.55 18.49 9.36
C PHE E 34 -2.53 17.84 10.31
N PHE E 35 -2.76 16.59 10.68
CA PHE E 35 -1.84 15.81 11.52
C PHE E 35 -0.49 15.64 10.81
N LEU E 36 -0.54 15.32 9.52
CA LEU E 36 0.65 15.18 8.70
C LEU E 36 1.47 16.51 8.66
N ALA E 37 0.80 17.62 8.36
CA ALA E 37 1.46 18.92 8.34
C ALA E 37 1.99 19.30 9.70
N TYR E 38 1.23 18.98 10.75
CA TYR E 38 1.64 19.29 12.13
C TYR E 38 2.92 18.55 12.51
N LEU E 39 2.98 17.26 12.19
CA LEU E 39 4.18 16.47 12.48
C LEU E 39 5.40 16.90 11.63
N GLN E 40 5.17 17.31 10.39
CA GLN E 40 6.26 17.84 9.54
C GLN E 40 6.83 19.15 10.10
N ARG E 41 5.95 19.96 10.69
CA ARG E 41 6.36 21.22 11.26
C ARG E 41 7.03 21.07 12.62
N ASN E 42 6.61 20.05 13.37
CA ASN E 42 7.01 19.83 14.75
C ASN E 42 7.61 18.45 14.96
N PRO E 43 8.60 18.07 14.17
CA PRO E 43 9.00 16.66 14.22
C PRO E 43 9.64 16.30 15.57
N GLY E 44 9.25 15.13 16.07
CA GLY E 44 9.75 14.65 17.34
C GLY E 44 9.21 15.34 18.58
N LEU E 45 8.27 16.29 18.44
CA LEU E 45 7.77 17.00 19.63
C LEU E 45 6.51 16.39 20.21
N SER E 46 5.75 15.66 19.41
CA SER E 46 4.63 14.90 19.95
C SER E 46 5.08 13.49 20.32
N LEU E 47 4.54 12.97 21.44
CA LEU E 47 4.98 11.71 22.00
C LEU E 47 3.82 10.77 22.21
N LEU E 48 4.11 9.49 22.17
CA LEU E 48 3.12 8.48 22.61
C LEU E 48 3.79 7.41 23.43
N VAL E 49 2.98 6.66 24.16
CA VAL E 49 3.44 5.49 24.89
C VAL E 49 2.70 4.30 24.34
N GLU E 50 3.43 3.23 24.02
CA GLU E 50 2.80 2.00 23.56
C GLU E 50 3.26 0.82 24.40
N THR E 51 2.38 -0.16 24.54
CA THR E 51 2.70 -1.41 25.20
C THR E 51 1.95 -2.51 24.47
N GLU E 52 2.65 -3.61 24.17
CA GLU E 52 2.07 -4.78 23.50
C GLU E 52 1.42 -4.37 22.16
N GLY E 53 2.07 -3.46 21.44
CA GLY E 53 1.55 -2.93 20.18
C GLY E 53 0.33 -2.02 20.24
N GLU E 54 -0.11 -1.61 21.43
CA GLU E 54 -1.26 -0.72 21.58
C GLU E 54 -0.83 0.63 22.15
N VAL E 55 -1.38 1.71 21.60
CA VAL E 55 -1.09 3.04 22.09
C VAL E 55 -1.96 3.32 23.31
N ILE E 56 -1.30 3.63 24.43
CA ILE E 56 -1.98 3.82 25.72
C ILE E 56 -1.89 5.25 26.26
N ALA E 57 -1.09 6.11 25.62
CA ALA E 57 -1.00 7.50 26.06
C ALA E 57 -0.42 8.34 24.94
N CYS E 58 -0.75 9.62 24.95
CA CYS E 58 -0.17 10.56 23.98
C CYS E 58 -0.18 11.98 24.48
N LEU E 59 0.64 12.79 23.82
CA LEU E 59 0.73 14.21 24.09
C LEU E 59 1.21 14.83 22.81
N MET E 60 0.35 15.64 22.22
CA MET E 60 0.70 16.36 20.99
C MET E 60 1.32 17.70 21.38
N ALA E 61 2.37 18.09 20.67
CA ALA E 61 3.03 19.34 21.01
C ALA E 61 3.71 19.92 19.81
N GLY E 62 3.84 21.22 19.86
CA GLY E 62 4.43 21.94 18.76
C GLY E 62 4.73 23.35 19.20
N HIS E 63 5.28 24.13 18.29
CA HIS E 63 5.58 25.52 18.60
C HIS E 63 5.54 26.39 17.36
N ASP E 64 5.38 27.68 17.60
CA ASP E 64 5.36 28.71 16.53
C ASP E 64 6.65 29.51 16.42
N GLY E 65 7.71 29.08 17.10
CA GLY E 65 9.00 29.77 17.09
C GLY E 65 9.15 30.78 18.23
N ARG E 66 8.10 30.91 19.04
CA ARG E 66 8.07 31.79 20.20
C ARG E 66 7.58 31.07 21.46
N ARG E 67 6.47 30.35 21.34
CA ARG E 67 5.89 29.62 22.46
C ARG E 67 5.56 28.19 22.04
N GLY E 68 5.54 27.31 23.02
CA GLY E 68 5.06 25.96 22.86
C GLY E 68 3.59 25.87 23.17
N TYR E 69 2.91 24.97 22.48
CA TYR E 69 1.47 24.73 22.68
C TYR E 69 1.26 23.24 22.72
N LEU E 70 0.63 22.76 23.78
CA LEU E 70 0.41 21.32 23.97
C LEU E 70 -1.06 21.03 23.89
N GLN E 71 -1.42 19.87 23.36
CA GLN E 71 -2.82 19.48 23.37
C GLN E 71 -2.99 17.97 23.23
N HIS E 72 -4.22 17.52 23.45
CA HIS E 72 -4.54 16.09 23.40
C HIS E 72 -3.66 15.23 24.31
N LEU E 73 -3.48 15.67 25.55
CA LEU E 73 -2.86 14.86 26.56
C LEU E 73 -3.87 13.78 26.98
N VAL E 74 -3.51 12.51 26.79
CA VAL E 74 -4.38 11.38 27.11
C VAL E 74 -3.57 10.25 27.70
N VAL E 75 -4.11 9.65 28.76
CA VAL E 75 -3.65 8.37 29.24
C VAL E 75 -4.89 7.50 29.31
N ASP E 76 -4.81 6.33 28.68
CA ASP E 76 -5.88 5.33 28.74
C ASP E 76 -6.23 5.01 30.21
N PRO E 77 -7.54 4.90 30.54
CA PRO E 77 -7.96 4.70 31.93
C PRO E 77 -7.29 3.55 32.68
N GLY E 78 -6.97 2.46 31.96
CA GLY E 78 -6.27 1.33 32.54
C GLY E 78 -4.85 1.56 32.98
N TYR E 79 -4.26 2.68 32.58
CA TYR E 79 -2.87 3.01 32.86
C TYR E 79 -2.71 4.34 33.60
N ARG E 80 -3.80 4.87 34.18
CA ARG E 80 -3.71 6.13 34.91
C ARG E 80 -3.09 5.97 36.30
N GLY E 81 -2.56 7.08 36.79
CA GLY E 81 -1.90 7.12 38.08
C GLY E 81 -0.54 6.46 38.14
N LEU E 82 0.11 6.29 36.98
CA LEU E 82 1.43 5.68 36.88
C LEU E 82 2.50 6.69 36.47
N GLY E 83 2.13 7.96 36.32
CA GLY E 83 3.08 8.99 35.98
C GLY E 83 3.32 9.13 34.50
N LEU E 84 2.49 8.50 33.66
CA LEU E 84 2.71 8.57 32.21
C LEU E 84 2.53 9.98 31.64
N ALA E 85 1.56 10.73 32.14
CA ALA E 85 1.35 12.09 31.64
C ALA E 85 2.54 12.96 32.03
N ARG E 86 2.98 12.85 33.28
CA ARG E 86 4.18 13.56 33.73
C ARG E 86 5.43 13.18 32.92
N ARG E 87 5.58 11.89 32.61
CA ARG E 87 6.73 11.43 31.82
C ARG E 87 6.76 12.10 30.44
N MET E 88 5.60 12.12 29.79
CA MET E 88 5.48 12.76 28.48
C MET E 88 5.70 14.28 28.57
N LEU E 89 5.13 14.91 29.60
CA LEU E 89 5.32 16.35 29.82
C LEU E 89 6.76 16.73 29.91
N ASP E 90 7.47 16.01 30.79
CA ASP E 90 8.88 16.34 31.04
C ASP E 90 9.69 16.25 29.75
N GLU E 91 9.43 15.21 28.95
CA GLU E 91 10.18 14.98 27.72
C GLU E 91 9.83 16.02 26.64
N VAL E 92 8.55 16.33 26.47
CA VAL E 92 8.15 17.39 25.53
C VAL E 92 8.79 18.73 25.90
N LEU E 93 8.73 19.08 27.18
CA LEU E 93 9.29 20.38 27.61
C LEU E 93 10.80 20.44 27.39
N ALA E 94 11.49 19.32 27.58
CA ALA E 94 12.93 19.26 27.30
C ALA E 94 13.26 19.42 25.81
N ARG E 95 12.48 18.76 24.95
CA ARG E 95 12.66 18.90 23.50
C ARG E 95 12.34 20.31 23.02
N LEU E 96 11.27 20.91 23.56
CA LEU E 96 10.98 22.31 23.27
C LEU E 96 12.13 23.25 23.68
N ALA E 97 12.71 23.01 24.85
CA ALA E 97 13.80 23.86 25.32
C ALA E 97 15.01 23.79 24.38
N ARG E 98 15.33 22.58 23.87
CA ARG E 98 16.42 22.37 22.84
C ARG E 98 16.18 23.26 21.64
N GLU E 99 14.92 23.41 21.24
CA GLU E 99 14.54 24.27 20.10
C GLU E 99 14.46 25.79 20.40
N GLY E 100 14.78 26.21 21.62
CA GLY E 100 14.71 27.60 22.05
C GLY E 100 13.37 28.06 22.58
N ILE E 101 12.49 27.12 22.94
CA ILE E 101 11.15 27.45 23.40
C ILE E 101 11.15 27.24 24.89
N GLY E 102 11.14 28.35 25.63
CA GLY E 102 11.22 28.35 27.07
C GLY E 102 9.91 28.53 27.82
N LYS E 103 8.83 28.85 27.11
CA LYS E 103 7.51 29.01 27.73
C LYS E 103 6.47 28.36 26.84
N SER E 104 5.59 27.60 27.48
CA SER E 104 4.54 26.87 26.79
C SER E 104 3.19 27.10 27.44
N HIS E 105 2.14 26.87 26.65
CA HIS E 105 0.76 27.13 27.05
C HIS E 105 -0.10 25.92 26.75
N VAL E 106 -1.15 25.75 27.56
CA VAL E 106 -2.28 24.86 27.24
C VAL E 106 -3.59 25.61 27.44
N PHE E 107 -4.57 25.29 26.59
CA PHE E 107 -5.93 25.83 26.69
C PHE E 107 -6.79 24.70 27.19
N VAL E 108 -7.61 24.97 28.20
CA VAL E 108 -8.47 23.94 28.78
C VAL E 108 -9.87 24.50 28.93
N LEU E 109 -10.86 23.80 28.36
CA LEU E 109 -12.25 24.23 28.47
C LEU E 109 -12.69 24.31 29.92
N ASP E 110 -13.43 25.36 30.29
CA ASP E 110 -13.97 25.51 31.65
C ASP E 110 -14.83 24.32 32.03
N ALA E 111 -15.55 23.78 31.05
CA ALA E 111 -16.46 22.64 31.26
C ALA E 111 -15.74 21.29 31.49
N ALA E 112 -14.48 21.20 31.08
CA ALA E 112 -13.63 20.02 31.31
C ALA E 112 -13.08 19.95 32.74
N GLU E 113 -13.96 19.56 33.67
CA GLU E 113 -13.63 19.63 35.10
C GLU E 113 -12.41 18.79 35.50
N GLU E 114 -12.30 17.59 34.94
CA GLU E 114 -11.23 16.63 35.28
C GLU E 114 -9.91 17.17 34.70
N ALA E 115 -9.92 17.69 33.49
CA ALA E 115 -8.70 18.31 32.91
C ALA E 115 -8.25 19.53 33.71
N GLN E 116 -9.18 20.37 34.11
CA GLN E 116 -8.82 21.53 34.95
C GLN E 116 -8.13 21.09 36.25
N ALA E 117 -8.69 20.06 36.88
CA ALA E 117 -8.12 19.54 38.12
C ALA E 117 -6.70 19.02 37.92
N PHE E 118 -6.47 18.31 36.82
CA PHE E 118 -5.13 17.86 36.46
C PHE E 118 -4.14 19.03 36.35
N TRP E 119 -4.50 20.04 35.56
CA TRP E 119 -3.56 21.15 35.30
C TRP E 119 -3.32 22.01 36.53
N ARG E 120 -4.35 22.23 37.36
CA ARG E 120 -4.18 22.95 38.63
C ARG E 120 -3.19 22.24 39.58
N ALA E 121 -3.07 20.93 39.45
CA ALA E 121 -2.16 20.13 40.29
C ALA E 121 -0.69 20.07 39.81
N GLN E 122 -0.38 20.59 38.63
CA GLN E 122 0.99 20.57 38.12
C GLN E 122 1.74 21.81 38.61
N SER E 123 2.73 21.60 39.47
CA SER E 123 3.41 22.72 40.13
C SER E 123 4.32 23.53 39.20
N ASP E 124 4.72 22.96 38.07
CA ASP E 124 5.50 23.67 37.03
C ASP E 124 4.64 24.49 36.07
N TRP E 125 3.32 24.49 36.27
CA TRP E 125 2.39 25.28 35.46
C TRP E 125 1.61 26.22 36.38
N GLU E 126 1.10 27.29 35.81
CA GLU E 126 0.24 28.21 36.55
C GLU E 126 -0.93 28.66 35.71
N ARG E 127 -2.10 28.70 36.36
CA ARG E 127 -3.30 29.18 35.72
C ARG E 127 -3.20 30.69 35.56
N ARG E 128 -3.44 31.16 34.35
CA ARG E 128 -3.21 32.57 34.05
C ARG E 128 -4.42 33.40 34.42
N LYS E 129 -4.21 34.37 35.30
CA LYS E 129 -5.25 35.26 35.79
C LYS E 129 -4.88 36.72 35.43
N ASP E 130 -3.93 36.87 34.50
CA ASP E 130 -3.39 38.16 34.09
C ASP E 130 -3.66 38.49 32.62
N ILE E 131 -4.33 37.59 31.88
CA ILE E 131 -4.54 37.72 30.45
C ILE E 131 -5.97 37.36 30.06
N GLN E 132 -6.41 37.93 28.94
CA GLN E 132 -7.60 37.48 28.21
C GLN E 132 -7.13 36.86 26.91
N VAL E 133 -7.88 35.86 26.43
CA VAL E 133 -7.64 35.31 25.11
C VAL E 133 -8.78 35.79 24.22
N PHE E 134 -8.44 36.28 23.04
CA PHE E 134 -9.41 36.52 21.99
C PHE E 134 -9.08 35.54 20.86
N SER E 135 -10.12 34.96 20.28
CA SER E 135 -9.97 34.04 19.16
C SER E 135 -10.84 34.48 17.99
N THR E 136 -10.43 34.10 16.79
CA THR E 136 -11.27 34.32 15.63
C THR E 136 -12.51 33.44 15.71
N ARG E 137 -13.58 33.94 15.10
CA ARG E 137 -14.80 33.19 14.82
C ARG E 137 -15.21 33.49 13.43
N MET F 1 2.40 54.54 1.74
CA MET F 1 2.00 53.55 2.84
C MET F 1 2.09 52.08 2.34
N GLN F 2 3.31 51.52 2.35
CA GLN F 2 3.60 50.20 1.75
C GLN F 2 3.52 49.12 2.84
N LEU F 3 2.64 48.15 2.61
CA LEU F 3 2.48 46.98 3.47
C LEU F 3 3.32 45.84 2.90
N ARG F 4 4.14 45.22 3.73
CA ARG F 4 5.00 44.14 3.24
C ARG F 4 5.38 43.19 4.35
N SER F 5 5.92 42.05 3.94
CA SER F 5 6.42 41.06 4.87
C SER F 5 7.63 41.62 5.64
N VAL F 6 7.64 41.32 6.93
CA VAL F 6 8.82 41.50 7.76
C VAL F 6 9.91 40.48 7.38
N ILE F 7 11.15 40.97 7.28
CA ILE F 7 12.33 40.12 7.08
C ILE F 7 13.37 40.39 8.17
N ALA F 8 14.38 39.54 8.25
CA ALA F 8 15.36 39.61 9.35
C ALA F 8 16.05 40.97 9.49
N ALA F 9 16.32 41.62 8.37
CA ALA F 9 16.97 42.95 8.36
C ALA F 9 16.10 44.06 8.96
N ASP F 10 14.80 43.79 9.16
CA ASP F 10 13.91 44.75 9.82
C ASP F 10 14.06 44.78 11.33
N HIS F 11 14.87 43.92 11.92
CA HIS F 11 14.90 43.84 13.38
C HIS F 11 15.22 45.18 14.10
N PRO F 12 16.25 45.93 13.66
CA PRO F 12 16.53 47.17 14.38
C PRO F 12 15.38 48.19 14.35
N ALA F 13 14.72 48.35 13.21
CA ALA F 13 13.57 49.26 13.10
C ALA F 13 12.36 48.80 13.94
N LEU F 14 12.08 47.49 13.92
CA LEU F 14 10.96 46.97 14.68
C LEU F 14 11.24 47.01 16.17
N PHE F 15 12.45 46.63 16.59
CA PHE F 15 12.80 46.65 18.01
C PHE F 15 12.68 48.08 18.55
N ALA F 16 13.11 49.05 17.76
CA ALA F 16 12.97 50.45 18.11
C ALA F 16 11.52 50.87 18.22
N LEU F 17 10.68 50.43 17.29
CA LEU F 17 9.23 50.70 17.37
C LEU F 17 8.61 50.11 18.62
N TRP F 18 8.90 48.84 18.90
CA TRP F 18 8.39 48.16 20.10
C TRP F 18 8.83 48.88 21.36
N SER F 19 10.11 49.29 21.39
CA SER F 19 10.59 50.17 22.40
C SER F 19 10.01 51.48 21.74
N ARG F 20 9.75 52.46 22.57
CA ARG F 20 9.01 53.66 22.26
C ARG F 20 7.49 53.55 22.28
N THR F 21 6.99 52.32 22.42
CA THR F 21 5.56 52.05 22.34
C THR F 21 5.00 51.59 23.68
N PRO F 22 4.34 52.51 24.42
CA PRO F 22 3.74 52.08 25.67
C PRO F 22 2.72 50.95 25.47
N GLY F 23 2.75 49.97 26.35
CA GLY F 23 1.88 48.80 26.26
C GLY F 23 2.53 47.57 25.62
N ILE F 24 3.70 47.74 25.02
CA ILE F 24 4.45 46.61 24.47
C ILE F 24 5.55 46.24 25.47
N ARG F 25 5.46 45.05 26.05
CA ARG F 25 6.50 44.56 26.95
C ARG F 25 7.56 43.84 26.13
N LEU F 26 8.80 44.34 26.17
CA LEU F 26 9.94 43.70 25.50
C LEU F 26 10.48 42.57 26.38
N ARG F 27 10.82 41.43 25.77
CA ARG F 27 11.40 40.30 26.50
C ARG F 27 12.55 39.68 25.72
N ALA F 28 13.17 38.64 26.28
CA ALA F 28 14.32 37.96 25.66
C ALA F 28 14.05 37.52 24.25
N GLU F 29 12.84 37.00 24.01
CA GLU F 29 12.41 36.48 22.72
C GLU F 29 12.28 37.56 21.64
N ASP F 30 12.37 38.84 22.02
CA ASP F 30 12.34 39.93 21.05
C ASP F 30 13.72 40.29 20.51
N ALA F 31 14.78 39.68 21.06
CA ALA F 31 16.13 39.89 20.55
C ALA F 31 16.37 39.16 19.24
N TYR F 32 17.44 39.57 18.55
CA TYR F 32 17.64 39.13 17.16
C TYR F 32 17.59 37.59 16.87
N PRO F 33 18.32 36.75 17.63
CA PRO F 33 18.29 35.33 17.29
C PRO F 33 16.90 34.71 17.34
N PHE F 34 16.10 35.11 18.32
CA PHE F 34 14.72 34.60 18.39
C PHE F 34 13.86 35.12 17.23
N PHE F 35 14.04 36.40 16.90
CA PHE F 35 13.33 37.03 15.78
C PHE F 35 13.69 36.32 14.47
N LEU F 36 14.97 36.04 14.30
CA LEU F 36 15.45 35.32 13.13
C LEU F 36 14.78 33.93 13.00
N ALA F 37 14.80 33.15 14.10
CA ALA F 37 14.23 31.82 14.07
C ALA F 37 12.72 31.90 13.82
N TYR F 38 12.07 32.91 14.41
CA TYR F 38 10.63 33.11 14.27
C TYR F 38 10.25 33.40 12.83
N LEU F 39 10.99 34.28 12.18
CA LEU F 39 10.73 34.57 10.78
C LEU F 39 11.03 33.40 9.85
N GLN F 40 12.05 32.61 10.17
CA GLN F 40 12.35 31.44 9.36
C GLN F 40 11.24 30.44 9.45
N ARG F 41 10.66 30.32 10.63
CA ARG F 41 9.58 29.36 10.85
C ARG F 41 8.26 29.81 10.25
N ASN F 42 8.05 31.14 10.25
CA ASN F 42 6.80 31.76 9.83
C ASN F 42 6.98 32.76 8.70
N PRO F 43 7.57 32.33 7.57
CA PRO F 43 7.98 33.37 6.61
C PRO F 43 6.78 34.03 5.95
N GLY F 44 6.84 35.35 5.85
CA GLY F 44 5.77 36.09 5.24
C GLY F 44 4.52 36.27 6.09
N LEU F 45 4.49 35.77 7.33
CA LEU F 45 3.29 35.91 8.15
C LEU F 45 3.28 37.15 9.01
N SER F 46 4.43 37.67 9.36
CA SER F 46 4.52 38.96 10.03
C SER F 46 4.59 40.09 9.02
N LEU F 47 3.89 41.18 9.32
CA LEU F 47 3.76 42.29 8.38
C LEU F 47 4.21 43.60 9.02
N LEU F 48 4.65 44.54 8.19
CA LEU F 48 4.85 45.91 8.65
C LEU F 48 4.32 46.89 7.61
N VAL F 49 4.12 48.15 8.03
CA VAL F 49 3.80 49.24 7.12
C VAL F 49 4.92 50.24 7.23
N GLU F 50 5.42 50.69 6.08
CA GLU F 50 6.43 51.73 6.07
C GLU F 50 6.02 52.89 5.18
N THR F 51 6.47 54.06 5.54
CA THR F 51 6.26 55.27 4.73
C THR F 51 7.50 56.13 4.86
N GLU F 52 8.01 56.63 3.73
CA GLU F 52 9.18 57.51 3.70
C GLU F 52 10.39 56.85 4.40
N GLY F 53 10.54 55.54 4.19
CA GLY F 53 11.60 54.75 4.81
C GLY F 53 11.50 54.50 6.31
N GLU F 54 10.37 54.84 6.94
CA GLU F 54 10.19 54.63 8.40
C GLU F 54 9.08 53.62 8.64
N VAL F 55 9.31 52.70 9.57
CA VAL F 55 8.30 51.71 9.93
C VAL F 55 7.32 52.36 10.91
N ILE F 56 6.04 52.34 10.52
CA ILE F 56 4.97 53.00 11.28
C ILE F 56 3.95 52.03 11.87
N ALA F 57 4.03 50.74 11.52
CA ALA F 57 3.11 49.75 12.06
C ALA F 57 3.66 48.36 11.85
N CYS F 58 3.25 47.44 12.72
CA CYS F 58 3.64 46.03 12.57
C CYS F 58 2.66 45.08 13.23
N LEU F 59 2.76 43.81 12.84
CA LEU F 59 1.96 42.75 13.40
C LEU F 59 2.74 41.48 13.18
N MET F 60 3.17 40.87 14.28
CA MET F 60 3.95 39.66 14.23
C MET F 60 2.96 38.51 14.30
N ALA F 61 3.19 37.50 13.48
CA ALA F 61 2.28 36.37 13.45
C ALA F 61 2.98 35.12 13.04
N GLY F 62 2.42 34.01 13.48
CA GLY F 62 2.99 32.69 13.25
C GLY F 62 2.00 31.62 13.61
N HIS F 63 2.41 30.38 13.44
CA HIS F 63 1.52 29.26 13.77
C HIS F 63 2.32 28.02 14.12
N ASP F 64 1.64 27.09 14.81
CA ASP F 64 2.26 25.84 15.23
C ASP F 64 1.76 24.63 14.41
N GLY F 65 1.06 24.90 13.33
CA GLY F 65 0.52 23.84 12.47
C GLY F 65 -0.89 23.51 12.84
N ARG F 66 -1.43 24.15 13.88
CA ARG F 66 -2.81 23.95 14.34
C ARG F 66 -3.56 25.27 14.51
N ARG F 67 -2.94 26.21 15.20
CA ARG F 67 -3.53 27.52 15.44
C ARG F 67 -2.55 28.61 15.11
N GLY F 68 -3.11 29.78 14.78
CA GLY F 68 -2.32 31.00 14.61
C GLY F 68 -2.24 31.75 15.91
N TYR F 69 -1.13 32.46 16.10
CA TYR F 69 -0.90 33.27 17.30
C TYR F 69 -0.32 34.60 16.84
N LEU F 70 -0.96 35.70 17.24
CA LEU F 70 -0.54 37.01 16.81
C LEU F 70 0.00 37.78 18.01
N GLN F 71 0.99 38.64 17.78
CA GLN F 71 1.46 39.50 18.88
C GLN F 71 2.18 40.74 18.35
N HIS F 72 2.47 41.67 19.26
CA HIS F 72 3.13 42.92 18.92
C HIS F 72 2.43 43.66 17.76
N LEU F 73 1.11 43.78 17.87
CA LEU F 73 0.33 44.65 17.02
C LEU F 73 0.61 46.09 17.46
N VAL F 74 1.17 46.90 16.55
CA VAL F 74 1.49 48.29 16.84
C VAL F 74 1.18 49.19 15.64
N VAL F 75 0.57 50.34 15.90
CA VAL F 75 0.51 51.43 14.94
C VAL F 75 1.06 52.65 15.67
N ASP F 76 2.02 53.30 15.05
CA ASP F 76 2.60 54.55 15.55
C ASP F 76 1.48 55.59 15.80
N PRO F 77 1.53 56.32 16.94
CA PRO F 77 0.46 57.25 17.29
C PRO F 77 0.05 58.27 16.21
N GLY F 78 1.04 58.72 15.43
CA GLY F 78 0.78 59.64 14.33
C GLY F 78 -0.04 59.11 13.17
N TYR F 79 -0.22 57.79 13.13
CA TYR F 79 -0.92 57.11 12.06
C TYR F 79 -2.09 56.27 12.56
N ARG F 80 -2.58 56.53 13.78
CA ARG F 80 -3.76 55.78 14.30
C ARG F 80 -5.09 56.30 13.79
N GLY F 81 -6.07 55.41 13.80
CA GLY F 81 -7.39 55.68 13.26
C GLY F 81 -7.53 55.69 11.74
N LEU F 82 -6.58 55.06 11.04
CA LEU F 82 -6.53 55.03 9.57
C LEU F 82 -6.78 53.63 9.04
N GLY F 83 -7.05 52.69 9.93
CA GLY F 83 -7.35 51.33 9.52
C GLY F 83 -6.11 50.49 9.29
N LEU F 84 -4.93 50.97 9.72
CA LEU F 84 -3.69 50.18 9.50
C LEU F 84 -3.64 48.85 10.26
N ALA F 85 -4.14 48.82 11.49
CA ALA F 85 -4.16 47.58 12.25
C ALA F 85 -5.11 46.58 11.59
N ARG F 86 -6.30 47.05 11.21
CA ARG F 86 -7.26 46.21 10.48
C ARG F 86 -6.69 45.68 9.16
N ARG F 87 -5.98 46.54 8.43
CA ARG F 87 -5.36 46.14 7.17
C ARG F 87 -4.37 44.98 7.37
N MET F 88 -3.54 45.12 8.39
CA MET F 88 -2.55 44.07 8.71
C MET F 88 -3.25 42.80 9.18
N LEU F 89 -4.26 42.95 10.03
CA LEU F 89 -5.01 41.81 10.56
C LEU F 89 -5.66 41.00 9.43
N ASP F 90 -6.34 41.69 8.52
CA ASP F 90 -6.97 41.00 7.38
C ASP F 90 -5.96 40.19 6.54
N GLU F 91 -4.81 40.79 6.27
CA GLU F 91 -3.80 40.14 5.44
C GLU F 91 -3.15 38.96 6.16
N VAL F 92 -2.83 39.12 7.44
CA VAL F 92 -2.26 38.00 8.21
C VAL F 92 -3.22 36.82 8.25
N LEU F 93 -4.50 37.10 8.51
CA LEU F 93 -5.48 36.01 8.59
C LEU F 93 -5.65 35.29 7.26
N ALA F 94 -5.58 36.02 6.15
CA ALA F 94 -5.63 35.43 4.82
C ALA F 94 -4.42 34.54 4.52
N ARG F 95 -3.23 35.02 4.89
CA ARG F 95 -2.01 34.21 4.72
C ARG F 95 -2.04 32.96 5.62
N LEU F 96 -2.46 33.13 6.87
CA LEU F 96 -2.65 31.95 7.72
C LEU F 96 -3.63 30.93 7.12
N ALA F 97 -4.72 31.41 6.54
CA ALA F 97 -5.73 30.49 5.95
C ALA F 97 -5.14 29.67 4.79
N ARG F 98 -4.31 30.30 3.97
CA ARG F 98 -3.60 29.61 2.89
C ARG F 98 -2.76 28.43 3.44
N GLU F 99 -2.20 28.60 4.62
CA GLU F 99 -1.39 27.57 5.25
C GLU F 99 -2.21 26.49 6.02
N GLY F 100 -3.52 26.53 5.91
CA GLY F 100 -4.43 25.64 6.62
C GLY F 100 -4.76 26.01 8.05
N ILE F 101 -4.54 27.26 8.44
CA ILE F 101 -4.76 27.72 9.81
C ILE F 101 -6.01 28.57 9.81
N GLY F 102 -7.09 27.99 10.32
CA GLY F 102 -8.41 28.60 10.29
C GLY F 102 -8.82 29.31 11.56
N LYS F 103 -8.09 29.11 12.64
CA LYS F 103 -8.39 29.75 13.91
C LYS F 103 -7.11 30.27 14.51
N SER F 104 -7.18 31.51 15.01
CA SER F 104 -6.07 32.18 15.62
C SER F 104 -6.45 32.78 16.96
N HIS F 105 -5.42 33.02 17.78
CA HIS F 105 -5.56 33.50 19.15
C HIS F 105 -4.65 34.68 19.39
N VAL F 106 -5.10 35.58 20.28
CA VAL F 106 -4.23 36.63 20.90
C VAL F 106 -4.39 36.57 22.40
N PHE F 107 -3.29 36.82 23.11
CA PHE F 107 -3.29 36.93 24.57
C PHE F 107 -3.13 38.41 24.89
N VAL F 108 -3.97 38.92 25.77
CA VAL F 108 -3.93 40.32 26.13
C VAL F 108 -3.98 40.42 27.63
N LEU F 109 -2.99 41.09 28.23
CA LEU F 109 -2.95 41.25 29.67
C LEU F 109 -4.18 41.98 30.17
N ASP F 110 -4.73 41.49 31.26
CA ASP F 110 -5.89 42.10 31.86
C ASP F 110 -5.50 43.49 32.46
N ALA F 111 -4.28 43.59 32.99
CA ALA F 111 -3.76 44.82 33.69
C ALA F 111 -3.35 45.98 32.84
N ALA F 112 -2.82 45.64 31.71
CA ALA F 112 -2.87 46.65 30.68
C ALA F 112 -4.20 47.37 30.57
N GLU F 113 -4.20 48.59 30.01
CA GLU F 113 -5.45 49.20 29.50
C GLU F 113 -6.13 48.19 28.55
N GLU F 114 -5.36 47.61 27.65
CA GLU F 114 -4.48 48.32 26.75
C GLU F 114 -5.17 47.81 25.53
N ALA F 115 -4.66 46.74 24.95
CA ALA F 115 -5.20 46.36 23.74
C ALA F 115 -6.61 45.82 24.14
N GLN F 116 -7.12 45.80 25.40
CA GLN F 116 -8.45 45.16 25.65
C GLN F 116 -9.61 45.82 24.89
N ALA F 117 -9.67 47.15 24.97
CA ALA F 117 -10.70 47.92 24.27
C ALA F 117 -10.65 47.69 22.77
N PHE F 118 -9.43 47.69 22.21
CA PHE F 118 -9.24 47.41 20.79
C PHE F 118 -9.80 46.03 20.41
N TRP F 119 -9.40 45.00 21.14
CA TRP F 119 -9.80 43.64 20.78
C TRP F 119 -11.29 43.37 20.98
N ARG F 120 -11.88 43.94 22.02
CA ARG F 120 -13.33 43.84 22.20
C ARG F 120 -14.13 44.44 21.04
N ALA F 121 -13.54 45.43 20.35
CA ALA F 121 -14.20 46.10 19.24
C ALA F 121 -14.07 45.41 17.89
N GLN F 122 -13.28 44.34 17.79
CA GLN F 122 -13.13 43.64 16.54
C GLN F 122 -14.20 42.55 16.43
N SER F 123 -15.13 42.70 15.48
CA SER F 123 -16.29 41.82 15.39
C SER F 123 -15.97 40.41 14.88
N ASP F 124 -14.82 40.24 14.23
CA ASP F 124 -14.33 38.92 13.80
C ASP F 124 -13.57 38.15 14.89
N TRP F 125 -13.44 38.73 16.08
CA TRP F 125 -12.81 38.08 17.22
C TRP F 125 -13.80 38.01 18.36
N GLU F 126 -13.57 37.08 19.27
CA GLU F 126 -14.38 36.98 20.48
C GLU F 126 -13.52 36.70 21.68
N ARG F 127 -13.84 37.37 22.77
CA ARG F 127 -13.17 37.15 24.03
C ARG F 127 -13.61 35.80 24.57
N ARG F 128 -12.65 34.98 24.94
CA ARG F 128 -12.96 33.61 25.36
C ARG F 128 -13.33 33.56 26.83
N LYS F 129 -14.53 33.06 27.12
CA LYS F 129 -15.01 32.89 28.49
C LYS F 129 -15.31 31.44 28.78
N ASP F 130 -14.78 30.56 27.93
CA ASP F 130 -15.02 29.12 28.00
C ASP F 130 -13.76 28.30 28.30
N ILE F 131 -12.61 28.98 28.45
CA ILE F 131 -11.32 28.30 28.62
C ILE F 131 -10.48 28.94 29.71
N GLN F 132 -9.59 28.14 30.28
CA GLN F 132 -8.50 28.63 31.11
C GLN F 132 -7.20 28.40 30.35
N VAL F 133 -6.23 29.28 30.56
CA VAL F 133 -4.88 29.09 30.06
C VAL F 133 -3.97 28.73 31.23
N PHE F 134 -3.18 27.69 31.06
CA PHE F 134 -2.09 27.38 31.98
C PHE F 134 -0.80 27.57 31.19
N SER F 135 0.20 28.16 31.85
CA SER F 135 1.50 28.40 31.23
C SER F 135 2.65 27.85 32.07
N THR F 136 3.75 27.52 31.41
CA THR F 136 4.94 27.12 32.13
C THR F 136 5.48 28.32 32.89
N ARG F 137 6.08 28.05 34.05
CA ARG F 137 6.56 29.09 34.96
C ARG F 137 7.86 29.74 34.51
N MET G 1 15.09 -18.83 22.35
CA MET G 1 15.60 -20.24 22.36
C MET G 1 14.47 -21.33 22.46
N GLN G 2 13.92 -21.72 21.30
CA GLN G 2 12.67 -22.50 21.17
C GLN G 2 12.70 -23.76 20.27
N LEU G 3 12.26 -24.87 20.85
CA LEU G 3 12.05 -26.15 20.14
C LEU G 3 10.60 -26.23 19.72
N ARG G 4 10.33 -26.48 18.45
CA ARG G 4 8.95 -26.55 18.00
C ARG G 4 8.79 -27.42 16.77
N SER G 5 7.56 -27.76 16.47
CA SER G 5 7.22 -28.50 15.28
C SER G 5 7.52 -27.74 13.99
N VAL G 6 8.08 -28.44 13.03
CA VAL G 6 8.24 -27.90 11.69
C VAL G 6 6.90 -27.85 11.00
N ILE G 7 6.66 -26.76 10.28
CA ILE G 7 5.47 -26.61 9.41
C ILE G 7 5.91 -26.25 8.02
N ALA G 8 4.96 -26.30 7.06
CA ALA G 8 5.35 -26.08 5.65
C ALA G 8 6.06 -24.79 5.37
N ALA G 9 5.70 -23.70 6.08
CA ALA G 9 6.29 -22.41 5.88
C ALA G 9 7.75 -22.34 6.27
N ASP G 10 8.24 -23.38 7.01
CA ASP G 10 9.63 -23.44 7.41
C ASP G 10 10.55 -23.95 6.28
N HIS G 11 9.99 -24.31 5.13
CA HIS G 11 10.83 -24.89 4.10
C HIS G 11 12.06 -24.04 3.69
N PRO G 12 11.90 -22.75 3.39
CA PRO G 12 13.06 -21.98 2.95
C PRO G 12 14.19 -21.98 4.00
N ALA G 13 13.84 -21.78 5.25
CA ALA G 13 14.85 -21.72 6.32
C ALA G 13 15.55 -23.08 6.50
N LEU G 14 14.77 -24.14 6.42
CA LEU G 14 15.34 -25.53 6.62
C LEU G 14 16.21 -25.91 5.41
N PHE G 15 15.74 -25.58 4.21
CA PHE G 15 16.50 -25.92 3.01
C PHE G 15 17.83 -25.17 3.02
N ALA G 16 17.81 -23.91 3.44
CA ALA G 16 19.02 -23.11 3.57
C ALA G 16 19.96 -23.73 4.60
N LEU G 17 19.42 -24.16 5.73
CA LEU G 17 20.26 -24.87 6.74
C LEU G 17 20.89 -26.13 6.17
N TRP G 18 20.13 -26.93 5.50
CA TRP G 18 20.63 -28.16 4.89
C TRP G 18 21.74 -27.85 3.88
N SER G 19 21.49 -26.84 3.04
CA SER G 19 22.44 -26.43 2.02
C SER G 19 23.76 -26.03 2.56
N ARG G 20 23.80 -25.37 3.72
CA ARG G 20 25.06 -24.86 4.26
C ARG G 20 25.71 -25.85 5.23
N THR G 21 25.21 -27.06 5.36
CA THR G 21 25.78 -28.04 6.33
C THR G 21 26.52 -29.13 5.58
N PRO G 22 27.88 -29.14 5.71
CA PRO G 22 28.60 -30.26 5.16
C PRO G 22 28.15 -31.57 5.77
N GLY G 23 28.03 -32.59 4.94
CA GLY G 23 27.50 -33.89 5.37
C GLY G 23 26.04 -34.14 5.09
N ILE G 24 25.31 -33.09 4.71
CA ILE G 24 23.92 -33.25 4.29
C ILE G 24 23.84 -33.25 2.75
N ARG G 25 23.43 -34.38 2.16
CA ARG G 25 23.23 -34.41 0.67
C ARG G 25 21.77 -34.06 0.38
N LEU G 26 21.61 -32.99 -0.39
CA LEU G 26 20.29 -32.57 -0.88
C LEU G 26 19.85 -33.38 -2.10
N ARG G 27 18.59 -33.77 -2.13
CA ARG G 27 18.04 -34.52 -3.25
C ARG G 27 16.68 -33.98 -3.63
N ALA G 28 16.06 -34.60 -4.65
CA ALA G 28 14.76 -34.18 -5.13
C ALA G 28 13.72 -34.10 -4.07
N GLU G 29 13.71 -35.06 -3.14
CA GLU G 29 12.70 -35.17 -2.08
C GLU G 29 12.84 -34.11 -1.05
N ASP G 30 13.92 -33.30 -1.15
CA ASP G 30 14.07 -32.17 -0.22
C ASP G 30 13.42 -30.90 -0.74
N ALA G 31 12.89 -30.95 -1.95
CA ALA G 31 12.22 -29.75 -2.51
C ALA G 31 10.83 -29.64 -1.91
N TYR G 32 10.27 -28.43 -2.12
CA TYR G 32 9.02 -28.10 -1.41
C TYR G 32 7.86 -29.11 -1.53
N PRO G 33 7.51 -29.55 -2.75
CA PRO G 33 6.29 -30.41 -2.78
C PRO G 33 6.42 -31.70 -1.95
N PHE G 34 7.61 -32.29 -1.97
CA PHE G 34 7.88 -33.50 -1.17
C PHE G 34 7.81 -33.16 0.33
N PHE G 35 8.40 -32.03 0.71
CA PHE G 35 8.37 -31.54 2.10
C PHE G 35 6.96 -31.29 2.59
N LEU G 36 6.15 -30.64 1.73
CA LEU G 36 4.75 -30.41 2.02
C LEU G 36 3.98 -31.73 2.26
N ALA G 37 4.14 -32.69 1.35
CA ALA G 37 3.41 -33.94 1.50
C ALA G 37 3.95 -34.70 2.77
N TYR G 38 5.23 -34.58 3.05
CA TYR G 38 5.85 -35.26 4.21
C TYR G 38 5.26 -34.73 5.47
N LEU G 39 5.15 -33.40 5.59
CA LEU G 39 4.61 -32.81 6.77
C LEU G 39 3.12 -33.09 6.94
N GLN G 40 2.35 -33.16 5.85
CA GLN G 40 0.95 -33.50 5.93
C GLN G 40 0.74 -34.92 6.44
N ARG G 41 1.64 -35.78 6.05
CA ARG G 41 1.64 -37.19 6.51
C ARG G 41 2.10 -37.42 7.92
N ASN G 42 3.04 -36.57 8.32
CA ASN G 42 3.75 -36.71 9.61
C ASN G 42 3.67 -35.42 10.43
N PRO G 43 2.47 -34.90 10.68
CA PRO G 43 2.37 -33.59 11.32
C PRO G 43 2.90 -33.63 12.77
N GLY G 44 3.69 -32.64 13.10
CA GLY G 44 4.28 -32.56 14.43
C GLY G 44 5.41 -33.48 14.74
N LEU G 45 5.89 -34.28 13.81
CA LEU G 45 6.94 -35.23 14.13
C LEU G 45 8.35 -34.68 13.81
N SER G 46 8.46 -33.78 12.86
CA SER G 46 9.73 -33.13 12.64
C SER G 46 9.86 -31.89 13.50
N LEU G 47 11.07 -31.61 13.99
CA LEU G 47 11.31 -30.56 14.92
C LEU G 47 12.43 -29.60 14.45
N LEU G 48 12.35 -28.36 14.89
CA LEU G 48 13.47 -27.43 14.70
C LEU G 48 13.69 -26.63 15.96
N VAL G 49 14.89 -26.04 16.03
CA VAL G 49 15.22 -25.12 17.11
C VAL G 49 15.49 -23.79 16.46
N GLU G 50 14.89 -22.72 16.98
CA GLU G 50 15.15 -21.40 16.52
C GLU G 50 15.54 -20.47 17.67
N THR G 51 16.40 -19.53 17.32
CA THR G 51 16.81 -18.50 18.28
C THR G 51 16.99 -17.22 17.49
N GLU G 52 16.43 -16.12 18.02
CA GLU G 52 16.56 -14.79 17.41
C GLU G 52 16.05 -14.80 15.96
N GLY G 53 14.97 -15.55 15.72
CA GLY G 53 14.41 -15.72 14.40
C GLY G 53 15.20 -16.53 13.38
N GLU G 54 16.28 -17.21 13.80
CA GLU G 54 17.10 -18.02 12.90
C GLU G 54 16.97 -19.50 13.31
N VAL G 55 16.83 -20.37 12.32
CA VAL G 55 16.78 -21.81 12.58
C VAL G 55 18.21 -22.36 12.73
N ILE G 56 18.50 -23.00 13.85
CA ILE G 56 19.84 -23.42 14.21
C ILE G 56 19.96 -24.93 14.32
N ALA G 57 18.84 -25.64 14.23
CA ALA G 57 18.88 -27.11 14.36
C ALA G 57 17.59 -27.68 13.83
N CYS G 58 17.64 -28.93 13.36
CA CYS G 58 16.46 -29.61 12.92
C CYS G 58 16.60 -31.12 12.99
N LEU G 59 15.43 -31.76 12.92
CA LEU G 59 15.39 -33.22 12.81
C LEU G 59 14.07 -33.53 12.11
N MET G 60 14.20 -34.16 10.96
CA MET G 60 13.02 -34.59 10.20
C MET G 60 12.66 -36.00 10.60
N ALA G 61 11.38 -36.28 10.78
CA ALA G 61 10.96 -37.59 11.19
C ALA G 61 9.57 -37.90 10.74
N GLY G 62 9.33 -39.19 10.62
CA GLY G 62 8.02 -39.63 10.12
C GLY G 62 7.95 -41.12 10.33
N HIS G 63 6.82 -41.68 9.92
CA HIS G 63 6.61 -43.14 10.10
C HIS G 63 5.62 -43.67 9.04
N ASP G 64 5.68 -45.01 8.85
CA ASP G 64 4.82 -45.70 7.93
C ASP G 64 3.73 -46.50 8.56
N GLY G 65 3.51 -46.26 9.83
CA GLY G 65 2.51 -47.04 10.58
C GLY G 65 3.10 -48.26 11.25
N ARG G 66 4.35 -48.52 11.03
CA ARG G 66 5.06 -49.72 11.61
C ARG G 66 6.39 -49.30 12.26
N ARG G 67 7.19 -48.50 11.58
CA ARG G 67 8.48 -48.07 12.06
C ARG G 67 8.65 -46.59 11.83
N GLY G 68 9.49 -45.97 12.64
CA GLY G 68 9.90 -44.59 12.47
C GLY G 68 11.16 -44.48 11.65
N TYR G 69 11.30 -43.37 10.93
CA TYR G 69 12.49 -43.14 10.12
C TYR G 69 12.86 -41.69 10.31
N LEU G 70 14.12 -41.43 10.63
CA LEU G 70 14.59 -40.08 10.92
C LEU G 70 15.64 -39.68 9.93
N GLN G 71 15.66 -38.39 9.57
CA GLN G 71 16.72 -37.93 8.64
C GLN G 71 16.96 -36.43 8.77
N HIS G 72 18.06 -35.98 8.14
CA HIS G 72 18.45 -34.59 8.22
C HIS G 72 18.54 -34.04 9.64
N LEU G 73 19.25 -34.76 10.53
CA LEU G 73 19.58 -34.27 11.81
C LEU G 73 20.71 -33.27 11.68
N VAL G 74 20.50 -32.00 12.06
CA VAL G 74 21.50 -30.96 11.91
C VAL G 74 21.49 -30.03 13.10
N VAL G 75 22.69 -29.65 13.58
CA VAL G 75 22.86 -28.58 14.50
C VAL G 75 23.93 -27.65 13.87
N ASP G 76 23.59 -26.36 13.75
CA ASP G 76 24.59 -25.35 13.27
C ASP G 76 25.84 -25.45 14.11
N PRO G 77 27.05 -25.33 13.48
CA PRO G 77 28.33 -25.47 14.19
C PRO G 77 28.49 -24.60 15.43
N GLY G 78 27.93 -23.39 15.39
CA GLY G 78 27.97 -22.48 16.53
C GLY G 78 27.24 -22.91 17.77
N TYR G 79 26.37 -23.93 17.63
CA TYR G 79 25.51 -24.39 18.70
C TYR G 79 25.71 -25.89 18.98
N ARG G 80 26.81 -26.48 18.51
CA ARG G 80 27.12 -27.89 18.80
C ARG G 80 27.65 -28.11 20.21
N GLY G 81 27.45 -29.33 20.66
CA GLY G 81 27.89 -29.73 21.98
C GLY G 81 27.06 -29.19 23.14
N LEU G 82 25.82 -28.79 22.85
CA LEU G 82 24.93 -28.26 23.85
C LEU G 82 23.77 -29.20 24.11
N GLY G 83 23.72 -30.35 23.44
CA GLY G 83 22.68 -31.30 23.68
C GLY G 83 21.47 -31.08 22.79
N LEU G 84 21.56 -30.21 21.80
CA LEU G 84 20.38 -29.94 20.94
C LEU G 84 19.94 -31.14 20.13
N ALA G 85 20.87 -31.90 19.55
CA ALA G 85 20.50 -33.07 18.78
C ALA G 85 19.80 -34.08 19.68
N ARG G 86 20.37 -34.35 20.83
CA ARG G 86 19.73 -35.24 21.80
C ARG G 86 18.37 -34.76 22.26
N ARG G 87 18.19 -33.45 22.45
CA ARG G 87 16.89 -32.89 22.87
C ARG G 87 15.87 -33.18 21.78
N MET G 88 16.24 -32.98 20.53
CA MET G 88 15.30 -33.24 19.40
C MET G 88 15.03 -34.72 19.26
N LEU G 89 16.06 -35.56 19.39
CA LEU G 89 15.92 -37.01 19.30
C LEU G 89 14.94 -37.51 20.36
N ASP G 90 15.16 -37.13 21.61
CA ASP G 90 14.28 -37.59 22.71
C ASP G 90 12.81 -37.23 22.41
N GLU G 91 12.59 -36.01 21.97
CA GLU G 91 11.22 -35.52 21.73
C GLU G 91 10.58 -36.21 20.56
N VAL G 92 11.30 -36.39 19.43
CA VAL G 92 10.75 -37.12 18.29
C VAL G 92 10.39 -38.55 18.69
N LEU G 93 11.26 -39.21 19.44
CA LEU G 93 10.99 -40.60 19.82
C LEU G 93 9.78 -40.70 20.72
N ALA G 94 9.59 -39.73 21.59
CA ALA G 94 8.42 -39.72 22.46
C ALA G 94 7.15 -39.54 21.64
N ARG G 95 7.17 -38.64 20.68
CA ARG G 95 6.00 -38.39 19.82
C ARG G 95 5.73 -39.63 19.01
N LEU G 96 6.76 -40.27 18.48
CA LEU G 96 6.56 -41.54 17.72
C LEU G 96 5.94 -42.61 18.64
N ALA G 97 6.37 -42.73 19.88
CA ALA G 97 5.81 -43.71 20.79
C ALA G 97 4.34 -43.48 21.04
N ARG G 98 3.94 -42.23 21.20
CA ARG G 98 2.52 -41.86 21.35
C ARG G 98 1.72 -42.39 20.18
N GLU G 99 2.28 -42.35 18.99
CA GLU G 99 1.59 -42.82 17.75
C GLU G 99 1.70 -44.34 17.50
N GLY G 100 2.25 -45.07 18.44
CA GLY G 100 2.37 -46.52 18.42
C GLY G 100 3.55 -47.00 17.68
N ILE G 101 4.56 -46.16 17.54
CA ILE G 101 5.81 -46.52 16.82
C ILE G 101 6.90 -46.69 17.88
N GLY G 102 7.18 -47.95 18.09
CA GLY G 102 8.11 -48.33 19.14
C GLY G 102 9.55 -48.57 18.70
N LYS G 103 9.79 -48.62 17.42
CA LYS G 103 11.12 -48.88 16.86
C LYS G 103 11.32 -48.00 15.65
N SER G 104 12.49 -47.32 15.63
CA SER G 104 12.83 -46.37 14.58
C SER G 104 14.24 -46.70 14.02
N HIS G 105 14.44 -46.23 12.81
CA HIS G 105 15.67 -46.48 12.03
C HIS G 105 16.23 -45.21 11.49
N VAL G 106 17.56 -45.21 11.33
CA VAL G 106 18.27 -44.21 10.48
C VAL G 106 19.20 -44.92 9.50
N PHE G 107 19.31 -44.40 8.28
CA PHE G 107 20.27 -44.89 7.29
C PHE G 107 21.39 -43.85 7.25
N VAL G 108 22.63 -44.30 7.31
CA VAL G 108 23.76 -43.39 7.25
C VAL G 108 24.77 -43.92 6.25
N LEU G 109 25.14 -43.07 5.33
CA LEU G 109 26.13 -43.47 4.30
C LEU G 109 27.43 -43.89 4.93
N ASP G 110 28.03 -44.97 4.43
CA ASP G 110 29.33 -45.47 4.95
C ASP G 110 30.38 -44.35 4.81
N ALA G 111 30.29 -43.55 3.76
CA ALA G 111 31.27 -42.47 3.47
C ALA G 111 31.13 -41.27 4.43
N ALA G 112 29.99 -41.15 5.12
CA ALA G 112 29.73 -40.04 6.04
C ALA G 112 30.37 -40.33 7.42
N GLU G 113 31.68 -40.13 7.50
CA GLU G 113 32.45 -40.57 8.65
C GLU G 113 32.02 -39.91 9.97
N GLU G 114 31.74 -38.61 9.92
CA GLU G 114 31.37 -37.83 11.12
C GLU G 114 29.97 -38.25 11.58
N ALA G 115 29.06 -38.45 10.63
CA ALA G 115 27.72 -38.93 11.00
C ALA G 115 27.79 -40.33 11.64
N GLN G 116 28.58 -41.21 11.05
CA GLN G 116 28.73 -42.56 11.60
C GLN G 116 29.21 -42.49 13.03
N ALA G 117 30.18 -41.64 13.26
CA ALA G 117 30.74 -41.49 14.60
C ALA G 117 29.71 -40.98 15.63
N PHE G 118 28.88 -40.02 15.20
CA PHE G 118 27.76 -39.58 16.03
C PHE G 118 26.84 -40.73 16.42
N TRP G 119 26.39 -41.49 15.42
CA TRP G 119 25.38 -42.52 15.68
C TRP G 119 25.95 -43.71 16.51
N ARG G 120 27.18 -44.09 16.23
CA ARG G 120 27.87 -45.11 17.07
C ARG G 120 27.88 -44.71 18.55
N ALA G 121 27.88 -43.41 18.84
CA ALA G 121 27.99 -42.91 20.21
C ALA G 121 26.67 -42.81 20.95
N GLN G 122 25.56 -43.04 20.27
CA GLN G 122 24.25 -42.95 20.90
C GLN G 122 23.88 -44.31 21.50
N SER G 123 23.85 -44.37 22.83
CA SER G 123 23.69 -45.66 23.52
C SER G 123 22.28 -46.25 23.38
N ASP G 124 21.27 -45.46 23.03
CA ASP G 124 19.89 -45.93 22.78
C ASP G 124 19.67 -46.41 21.38
N TRP G 125 20.72 -46.39 20.57
CA TRP G 125 20.65 -46.89 19.20
C TRP G 125 21.70 -47.97 19.02
N GLU G 126 21.49 -48.83 18.03
CA GLU G 126 22.45 -49.88 17.73
C GLU G 126 22.63 -50.06 16.27
N ARG G 127 23.87 -50.15 15.87
CA ARG G 127 24.17 -50.42 14.46
C ARG G 127 23.82 -51.86 14.13
N ARG G 128 23.08 -52.06 13.05
CA ARG G 128 22.56 -53.36 12.76
C ARG G 128 23.52 -54.23 11.97
N LYS G 129 23.85 -55.38 12.55
CA LYS G 129 24.71 -56.35 11.91
C LYS G 129 24.01 -57.66 11.72
N ASP G 130 22.67 -57.65 11.79
CA ASP G 130 21.84 -58.82 11.70
C ASP G 130 20.91 -58.83 10.48
N ILE G 131 20.97 -57.76 9.70
CA ILE G 131 20.04 -57.57 8.56
C ILE G 131 20.80 -57.10 7.33
N GLN G 132 20.20 -57.38 6.17
CA GLN G 132 20.56 -56.72 4.91
C GLN G 132 19.46 -55.85 4.48
N VAL G 133 19.81 -54.74 3.84
CA VAL G 133 18.79 -53.87 3.24
C VAL G 133 18.89 -54.05 1.75
N PHE G 134 17.72 -54.22 1.11
CA PHE G 134 17.64 -54.17 -0.34
C PHE G 134 16.79 -52.99 -0.72
N SER G 135 17.18 -52.24 -1.74
CA SER G 135 16.45 -51.07 -2.20
C SER G 135 16.16 -51.11 -3.66
N THR G 136 15.10 -50.44 -4.12
CA THR G 136 14.81 -50.36 -5.52
C THR G 136 15.93 -49.54 -6.23
N ARG G 137 16.24 -49.94 -7.46
CA ARG G 137 17.33 -49.36 -8.28
C ARG G 137 17.02 -47.99 -8.88
#